data_8ZYF
#
_entry.id   8ZYF
#
_cell.length_a   44.664
_cell.length_b   103.529
_cell.length_c   299.352
_cell.angle_alpha   90.00
_cell.angle_beta   90.00
_cell.angle_gamma   90.00
#
_symmetry.space_group_name_H-M   'P 21 21 21'
#
loop_
_entity.id
_entity.type
_entity.pdbx_description
1 polymer 'Spike protein S1'
2 polymer 'ZW2G10 fab light chain'
3 polymer 'ZW2G10 fab heavy chain'
4 non-polymer 2-acetamido-2-deoxy-beta-D-glucopyranose
5 water water
#
loop_
_entity_poly.entity_id
_entity_poly.type
_entity_poly.pdbx_seq_one_letter_code
_entity_poly.pdbx_strand_id
1 'polypeptide(L)'
;LCPFDEVFNATRFASVYAWNRKRISNCVADYSVLYNLAPFFTFKCYGVSPTKLNDLCFTNVYADSFVIRGDEVRQIAPGQ
TGNIADYNYKLPDDFTGCVIAWNSNKLDSKVSGNYNYLYRLFRKSNLKPFERDISTEIYQAGNKPCNGVAGFNCYFPLRS
YSFRPTYGVGHQPYRVVVLSFELLHAPATVCGPKK
;
A,B
2 'polypeptide(L)'
;QSVLTQPPSVSGAPGQRVTISCTGSSSNIGAGYDVHWYQQLPGTAPKLLIYDNNNRPSGVPDRFSGSKSGTSASLAITGL
QAEDEADYYCQSFDSSLSGVVFGGGTRLTVLRQPKAAPSVTLFPPSSEELQANKATLVCLISDFYPGAVTVAWKADSSPV
KAGVETTTPSKQSNNKYAASSYLSLTPEQWKSHKSYSCQVTHEGSTVEKTVAPT
;
D,C
3 'polypeptide(L)'
;EVQLVESGGGLVQPGRSLRLSCAASGFTFDDYAMHWVRQAPGKGLEWVSGITWNSGTIGYADSVKGRFIISRDNAKNSLH
LQMNSLRVEDTALYYCAKDNSDYSGYYWELENYGMDVWGQGTTVTVSSASTKGPSVFPLAPSSKSTSGGTAALGCLVKDY
FPEPVTVSWNSGALTSGVHTFPAVLQSSGLYSLSSVVTVPSSSLGTQTYICNVNHKPSNTKVDKKVEPK
;
H,E
#
loop_
_chem_comp.id
_chem_comp.type
_chem_comp.name
_chem_comp.formula
NAG D-saccharide, beta linking 2-acetamido-2-deoxy-beta-D-glucopyranose 'C8 H15 N O6'
#
# COMPACT_ATOMS: atom_id res chain seq x y z
N LEU A 1 27.42 -39.12 -15.32
CA LEU A 1 27.93 -37.77 -15.09
C LEU A 1 26.84 -36.87 -14.50
N CYS A 2 27.09 -36.39 -13.29
CA CYS A 2 26.06 -35.69 -12.52
C CYS A 2 25.61 -34.43 -13.25
N PRO A 3 24.32 -34.05 -13.14
CA PRO A 3 23.82 -32.88 -13.87
C PRO A 3 23.95 -31.57 -13.10
N PHE A 4 25.19 -31.19 -12.80
CA PHE A 4 25.41 -29.87 -12.20
C PHE A 4 25.15 -28.75 -13.19
N ASP A 5 25.48 -28.98 -14.47
CA ASP A 5 25.31 -27.97 -15.50
C ASP A 5 23.86 -27.47 -15.54
N GLU A 6 22.90 -28.40 -15.50
CA GLU A 6 21.50 -28.00 -15.52
C GLU A 6 21.17 -27.15 -14.30
N VAL A 7 21.78 -27.45 -13.16
CA VAL A 7 21.44 -26.75 -11.92
C VAL A 7 22.03 -25.34 -11.92
N PHE A 8 23.30 -25.22 -12.29
CA PHE A 8 24.00 -23.96 -12.13
C PHE A 8 23.70 -22.97 -13.24
N ASN A 9 23.40 -23.52 -14.40
CA ASN A 9 23.16 -22.79 -15.64
C ASN A 9 21.68 -22.85 -16.04
N ALA A 10 20.68 -23.06 -15.13
CA ALA A 10 19.27 -22.93 -15.42
C ALA A 10 18.99 -21.52 -15.94
N THR A 11 18.00 -21.42 -16.83
CA THR A 11 17.63 -20.11 -17.36
C THR A 11 17.01 -19.25 -16.27
N ARG A 12 16.07 -19.80 -15.52
CA ARG A 12 15.45 -19.13 -14.38
C ARG A 12 15.96 -19.77 -13.10
N PHE A 13 15.84 -19.04 -12.00
CA PHE A 13 16.12 -19.57 -10.69
C PHE A 13 14.90 -19.37 -9.80
N ALA A 14 14.81 -20.21 -8.76
CA ALA A 14 13.69 -20.15 -7.83
C ALA A 14 13.83 -18.96 -6.89
N SER A 15 12.68 -18.52 -6.38
CA SER A 15 12.65 -17.54 -5.29
C SER A 15 13.10 -18.22 -4.00
N VAL A 16 13.63 -17.41 -3.08
CA VAL A 16 14.25 -17.97 -1.89
C VAL A 16 13.22 -18.67 -1.01
N TYR A 17 11.98 -18.14 -0.95
CA TYR A 17 10.98 -18.75 -0.10
C TYR A 17 10.56 -20.12 -0.63
N ALA A 18 10.61 -20.29 -1.95
CA ALA A 18 10.26 -21.56 -2.59
C ALA A 18 11.51 -22.18 -3.19
N TRP A 19 12.60 -22.19 -2.42
CA TRP A 19 13.88 -22.66 -2.94
C TRP A 19 13.75 -24.06 -3.50
N ASN A 20 14.55 -24.35 -4.51
CA ASN A 20 14.52 -25.64 -5.18
C ASN A 20 15.55 -26.59 -4.57
N ARG A 21 15.23 -27.88 -4.61
CA ARG A 21 16.13 -28.94 -4.18
C ARG A 21 16.23 -29.97 -5.29
N LYS A 22 17.46 -30.32 -5.68
CA LYS A 22 17.70 -31.28 -6.75
C LYS A 22 18.57 -32.39 -6.19
N ARG A 23 18.01 -33.60 -6.08
CA ARG A 23 18.79 -34.75 -5.67
C ARG A 23 19.82 -35.10 -6.74
N ILE A 24 21.07 -35.29 -6.32
CA ILE A 24 22.16 -35.70 -7.19
C ILE A 24 22.58 -37.09 -6.74
N SER A 25 22.29 -38.11 -7.55
CA SER A 25 22.57 -39.48 -7.16
C SER A 25 22.89 -40.33 -8.37
N ASN A 26 23.51 -41.48 -8.10
CA ASN A 26 23.85 -42.47 -9.12
C ASN A 26 24.55 -41.81 -10.29
N CYS A 27 25.61 -41.07 -9.99
CA CYS A 27 26.25 -40.29 -11.03
C CYS A 27 27.70 -40.09 -10.63
N VAL A 28 28.50 -39.68 -11.60
CA VAL A 28 29.90 -39.32 -11.40
C VAL A 28 30.00 -37.81 -11.45
N ALA A 29 30.53 -37.21 -10.41
CA ALA A 29 30.48 -35.77 -10.22
C ALA A 29 31.84 -35.17 -10.53
N ASP A 30 31.90 -34.37 -11.59
CA ASP A 30 33.10 -33.61 -11.90
C ASP A 30 32.94 -32.24 -11.25
N TYR A 31 33.39 -32.14 -10.00
CA TYR A 31 33.25 -30.89 -9.27
C TYR A 31 34.15 -29.79 -9.82
N SER A 32 35.07 -30.12 -10.72
CA SER A 32 35.95 -29.12 -11.30
C SER A 32 35.23 -28.21 -12.28
N VAL A 33 33.97 -28.50 -12.61
CA VAL A 33 33.20 -27.63 -13.49
C VAL A 33 32.45 -26.55 -12.72
N LEU A 34 32.48 -26.58 -11.38
CA LEU A 34 31.72 -25.64 -10.56
C LEU A 34 32.44 -24.29 -10.59
N TYR A 35 32.15 -23.53 -11.64
CA TYR A 35 32.73 -22.22 -11.83
C TYR A 35 31.95 -21.51 -12.93
N ASN A 36 32.04 -20.19 -12.94
CA ASN A 36 31.48 -19.37 -14.01
C ASN A 36 32.25 -18.06 -14.05
N LEU A 37 31.84 -17.19 -14.97
CA LEU A 37 32.50 -15.90 -15.16
C LEU A 37 31.64 -14.73 -14.70
N ALA A 38 30.63 -14.99 -13.86
CA ALA A 38 29.84 -13.92 -13.28
C ALA A 38 30.71 -13.10 -12.33
N PRO A 39 30.38 -11.83 -12.13
CA PRO A 39 31.34 -10.93 -11.47
C PRO A 39 31.82 -11.38 -10.09
N PHE A 40 30.94 -11.50 -9.10
CA PHE A 40 31.38 -11.70 -7.71
C PHE A 40 31.24 -13.16 -7.30
N PHE A 41 31.99 -14.02 -7.96
CA PHE A 41 31.89 -15.46 -7.69
C PHE A 41 32.43 -15.79 -6.32
N THR A 42 31.61 -16.46 -5.51
CA THR A 42 32.00 -16.95 -4.20
C THR A 42 31.83 -18.47 -4.16
N PHE A 43 32.60 -19.11 -3.28
CA PHE A 43 32.53 -20.56 -3.14
C PHE A 43 33.06 -20.86 -1.74
N LYS A 44 32.15 -21.10 -0.80
CA LYS A 44 32.46 -21.18 0.61
C LYS A 44 32.00 -22.52 1.15
N CYS A 45 32.91 -23.26 1.77
CA CYS A 45 32.60 -24.58 2.33
C CYS A 45 32.81 -24.58 3.83
N TYR A 46 32.05 -25.46 4.50
CA TYR A 46 32.00 -25.54 5.95
C TYR A 46 32.19 -26.99 6.34
N GLY A 47 33.21 -27.26 7.15
CA GLY A 47 33.46 -28.61 7.58
C GLY A 47 33.80 -29.58 6.47
N VAL A 48 34.25 -29.08 5.32
CA VAL A 48 34.66 -29.93 4.22
C VAL A 48 35.55 -29.11 3.32
N SER A 49 36.54 -29.76 2.70
CA SER A 49 37.48 -29.08 1.83
C SER A 49 37.05 -29.28 0.38
N PRO A 50 36.79 -28.20 -0.37
CA PRO A 50 36.42 -28.40 -1.79
C PRO A 50 37.53 -28.97 -2.63
N THR A 51 38.78 -28.95 -2.16
CA THR A 51 39.88 -29.53 -2.94
C THR A 51 39.94 -31.05 -2.82
N LYS A 52 39.10 -31.64 -1.97
CA LYS A 52 39.03 -33.09 -1.81
C LYS A 52 37.80 -33.70 -2.47
N LEU A 53 36.85 -32.89 -2.91
CA LEU A 53 35.54 -33.40 -3.33
C LEU A 53 35.68 -34.53 -4.34
N ASN A 54 36.58 -34.36 -5.32
CA ASN A 54 36.70 -35.34 -6.39
C ASN A 54 37.51 -36.56 -6.01
N ASP A 55 37.96 -36.67 -4.76
CA ASP A 55 38.45 -37.91 -4.21
C ASP A 55 37.53 -38.44 -3.13
N LEU A 56 36.35 -37.85 -2.97
CA LEU A 56 35.37 -38.22 -1.96
C LEU A 56 34.16 -38.87 -2.61
N CYS A 57 33.43 -39.64 -1.79
CA CYS A 57 32.27 -40.41 -2.23
C CYS A 57 31.13 -40.25 -1.25
N PHE A 58 29.93 -40.08 -1.78
CA PHE A 58 28.78 -39.79 -0.94
C PHE A 58 27.58 -40.62 -1.36
N THR A 59 26.66 -40.81 -0.40
CA THR A 59 25.42 -41.51 -0.70
C THR A 59 24.59 -40.72 -1.69
N ASN A 60 24.40 -39.43 -1.42
CA ASN A 60 23.63 -38.54 -2.28
C ASN A 60 24.20 -37.14 -2.09
N VAL A 61 23.87 -36.27 -3.03
CA VAL A 61 24.20 -34.85 -2.94
C VAL A 61 22.96 -34.07 -3.32
N TYR A 62 22.68 -33.01 -2.58
CA TYR A 62 21.56 -32.13 -2.91
C TYR A 62 22.07 -30.76 -3.29
N ALA A 63 21.51 -30.21 -4.37
CA ALA A 63 21.78 -28.84 -4.80
C ALA A 63 20.53 -28.00 -4.56
N ASP A 64 20.63 -27.05 -3.64
CA ASP A 64 19.56 -26.10 -3.34
C ASP A 64 19.88 -24.77 -4.04
N SER A 65 19.00 -24.35 -4.95
CA SER A 65 19.22 -23.14 -5.72
C SER A 65 18.09 -22.14 -5.46
N PHE A 66 18.43 -20.86 -5.56
CA PHE A 66 17.51 -19.76 -5.25
C PHE A 66 18.28 -18.47 -5.51
N VAL A 67 17.56 -17.36 -5.45
CA VAL A 67 18.13 -16.04 -5.69
C VAL A 67 17.79 -15.14 -4.51
N ILE A 68 18.74 -14.31 -4.11
CA ILE A 68 18.60 -13.35 -3.00
C ILE A 68 19.37 -12.09 -3.37
N ARG A 69 19.34 -11.11 -2.47
CA ARG A 69 20.15 -9.90 -2.63
C ARG A 69 21.61 -10.18 -2.26
N GLY A 70 22.50 -9.37 -2.82
CA GLY A 70 23.91 -9.47 -2.45
C GLY A 70 24.13 -9.22 -0.97
N ASP A 71 23.40 -8.27 -0.39
CA ASP A 71 23.43 -8.02 1.05
C ASP A 71 23.32 -9.31 1.85
N GLU A 72 22.53 -10.25 1.33
CA GLU A 72 22.06 -11.38 2.11
C GLU A 72 22.86 -12.65 1.85
N VAL A 73 23.81 -12.63 0.90
CA VAL A 73 24.60 -13.82 0.63
C VAL A 73 25.31 -14.30 1.88
N ARG A 74 25.55 -13.41 2.85
CA ARG A 74 26.16 -13.79 4.10
C ARG A 74 25.20 -14.55 5.02
N GLN A 75 23.89 -14.40 4.83
CA GLN A 75 22.96 -15.13 5.68
C GLN A 75 22.89 -16.62 5.35
N ILE A 76 23.43 -17.04 4.21
CA ILE A 76 23.38 -18.44 3.80
C ILE A 76 24.63 -19.09 4.35
N ALA A 77 24.58 -19.46 5.62
CA ALA A 77 25.72 -20.02 6.33
C ALA A 77 25.26 -20.47 7.71
N PRO A 78 25.99 -21.39 8.33
CA PRO A 78 25.59 -21.86 9.66
C PRO A 78 25.55 -20.73 10.67
N GLY A 79 24.53 -20.74 11.52
CA GLY A 79 24.43 -19.80 12.61
C GLY A 79 24.33 -18.36 12.19
N GLN A 80 23.44 -18.09 11.24
CA GLN A 80 23.17 -16.73 10.79
C GLN A 80 21.75 -16.34 11.18
N THR A 81 21.55 -15.05 11.36
CA THR A 81 20.24 -14.49 11.64
C THR A 81 19.91 -13.45 10.58
N GLY A 82 18.62 -13.14 10.46
CA GLY A 82 18.13 -12.22 9.46
C GLY A 82 16.93 -12.78 8.73
N ASN A 83 16.35 -11.92 7.90
CA ASN A 83 15.12 -12.29 7.19
C ASN A 83 15.26 -13.63 6.48
N ILE A 84 16.32 -13.79 5.68
CA ILE A 84 16.47 -15.01 4.88
C ILE A 84 16.74 -16.21 5.78
N ALA A 85 17.70 -16.09 6.69
CA ALA A 85 18.00 -17.22 7.57
C ALA A 85 16.80 -17.60 8.42
N ASP A 86 16.00 -16.62 8.83
CA ASP A 86 14.92 -16.90 9.77
C ASP A 86 13.65 -17.41 9.08
N TYR A 87 13.34 -16.89 7.90
CA TYR A 87 12.03 -17.10 7.30
C TYR A 87 12.05 -17.72 5.92
N ASN A 88 13.20 -17.86 5.28
CA ASN A 88 13.25 -18.32 3.90
C ASN A 88 14.12 -19.56 3.70
N TYR A 89 15.38 -19.52 4.11
CA TYR A 89 16.28 -20.65 3.89
C TYR A 89 17.25 -20.70 5.05
N LYS A 90 17.28 -21.83 5.75
CA LYS A 90 18.04 -21.96 6.98
C LYS A 90 18.96 -23.16 6.88
N LEU A 91 20.26 -22.92 7.11
CA LEU A 91 21.21 -24.01 7.27
C LEU A 91 21.39 -24.33 8.75
N PRO A 92 21.60 -25.59 9.10
CA PRO A 92 21.82 -25.93 10.51
C PRO A 92 23.15 -25.39 10.99
N ASP A 93 23.21 -25.10 12.30
CA ASP A 93 24.47 -24.70 12.92
C ASP A 93 25.58 -25.72 12.65
N ASP A 94 25.21 -26.99 12.44
CA ASP A 94 26.14 -28.07 12.22
C ASP A 94 26.43 -28.32 10.74
N PHE A 95 26.19 -27.32 9.90
CA PHE A 95 26.13 -27.55 8.47
C PHE A 95 27.49 -27.99 7.92
N THR A 96 27.46 -29.01 7.08
CA THR A 96 28.63 -29.45 6.31
C THR A 96 28.24 -29.39 4.84
N GLY A 97 29.01 -28.66 4.06
CA GLY A 97 28.71 -28.48 2.65
C GLY A 97 29.23 -27.14 2.18
N CYS A 98 28.87 -26.81 0.94
CA CYS A 98 29.39 -25.61 0.30
C CYS A 98 28.25 -24.73 -0.18
N VAL A 99 28.46 -23.41 -0.10
CA VAL A 99 27.53 -22.40 -0.58
C VAL A 99 28.22 -21.67 -1.73
N ILE A 100 27.66 -21.79 -2.93
CA ILE A 100 28.20 -21.18 -4.14
C ILE A 100 27.25 -20.07 -4.57
N ALA A 101 27.81 -18.91 -4.88
CA ALA A 101 26.99 -17.75 -5.20
C ALA A 101 27.71 -16.90 -6.24
N TRP A 102 26.93 -16.08 -6.94
CA TRP A 102 27.52 -15.15 -7.90
C TRP A 102 26.48 -14.10 -8.29
N ASN A 103 26.98 -12.95 -8.72
CA ASN A 103 26.13 -11.86 -9.17
C ASN A 103 25.44 -12.21 -10.49
N SER A 104 24.13 -12.04 -10.53
CA SER A 104 23.32 -12.38 -11.69
C SER A 104 22.55 -11.16 -12.18
N ASN A 105 23.17 -9.99 -12.09
CA ASN A 105 22.53 -8.75 -12.52
C ASN A 105 22.15 -8.79 -13.99
N LYS A 106 22.97 -9.45 -14.81
CA LYS A 106 22.75 -9.50 -16.24
C LYS A 106 21.52 -10.32 -16.62
N LEU A 107 20.92 -11.03 -15.70
CA LEU A 107 19.78 -11.88 -16.03
C LEU A 107 18.53 -11.55 -15.22
N ASP A 108 18.66 -11.26 -13.93
CA ASP A 108 17.52 -11.25 -13.04
C ASP A 108 17.06 -9.85 -12.66
N SER A 109 17.46 -8.83 -13.42
CA SER A 109 17.15 -7.46 -13.06
C SER A 109 16.26 -6.77 -14.10
N LYS A 110 15.61 -7.54 -14.96
CA LYS A 110 14.77 -6.99 -15.99
C LYS A 110 13.40 -6.67 -15.43
N VAL A 111 12.82 -5.57 -15.89
CA VAL A 111 11.51 -5.16 -15.39
C VAL A 111 10.49 -6.27 -15.60
N SER A 112 10.49 -6.89 -16.78
CA SER A 112 9.54 -7.96 -17.07
C SER A 112 9.58 -9.07 -16.03
N GLY A 113 10.68 -9.18 -15.28
CA GLY A 113 10.79 -10.23 -14.28
C GLY A 113 10.68 -9.69 -12.87
N ASN A 114 10.00 -8.55 -12.72
CA ASN A 114 10.01 -7.84 -11.45
C ASN A 114 9.33 -8.63 -10.33
N TYR A 115 8.42 -9.54 -10.66
CA TYR A 115 7.74 -10.35 -9.66
C TYR A 115 8.20 -11.80 -9.66
N ASN A 116 9.30 -12.10 -10.36
CA ASN A 116 9.77 -13.48 -10.43
C ASN A 116 10.48 -13.94 -9.18
N TYR A 117 10.99 -13.02 -8.36
CA TYR A 117 11.79 -13.36 -7.19
C TYR A 117 11.18 -12.73 -5.96
N LEU A 118 10.70 -13.57 -5.05
CA LEU A 118 10.02 -13.12 -3.84
C LEU A 118 10.75 -13.66 -2.61
N TYR A 119 10.40 -13.07 -1.46
CA TYR A 119 10.90 -13.53 -0.17
C TYR A 119 9.82 -13.38 0.87
N ARG A 120 9.81 -14.29 1.83
CA ARG A 120 8.88 -14.19 2.96
C ARG A 120 9.39 -13.20 3.98
N LEU A 121 8.50 -12.29 4.42
CA LEU A 121 8.87 -11.25 5.36
C LEU A 121 8.22 -11.38 6.73
N PHE A 122 7.08 -12.06 6.84
CA PHE A 122 6.40 -12.26 8.11
C PHE A 122 6.11 -13.73 8.33
N ARG A 123 6.34 -14.22 9.54
CA ARG A 123 6.09 -15.61 9.83
C ARG A 123 6.00 -15.84 11.34
N LYS A 124 5.21 -16.83 11.71
CA LYS A 124 4.91 -17.10 13.12
C LYS A 124 6.15 -17.54 13.87
N SER A 125 6.92 -18.47 13.30
CA SER A 125 8.15 -18.94 13.91
C SER A 125 9.27 -18.91 12.87
N ASN A 126 10.50 -19.14 13.33
CA ASN A 126 11.61 -19.29 12.42
C ASN A 126 11.64 -20.70 11.84
N LEU A 127 12.09 -20.79 10.59
CA LEU A 127 12.19 -22.10 9.95
C LEU A 127 13.30 -22.93 10.59
N LYS A 128 13.03 -24.21 10.79
CA LYS A 128 14.06 -25.15 11.17
C LYS A 128 14.98 -25.38 9.98
N PRO A 129 16.14 -25.98 10.18
CA PRO A 129 17.07 -26.18 9.06
C PRO A 129 16.43 -26.94 7.91
N PHE A 130 16.64 -26.43 6.69
CA PHE A 130 16.22 -27.07 5.44
C PHE A 130 14.70 -27.18 5.34
N GLU A 131 13.96 -26.34 6.04
CA GLU A 131 12.52 -26.27 5.86
C GLU A 131 12.19 -25.35 4.70
N ARG A 132 11.02 -25.57 4.11
CA ARG A 132 10.52 -24.70 3.04
C ARG A 132 9.07 -24.35 3.36
N ASP A 133 8.78 -23.06 3.44
CA ASP A 133 7.41 -22.58 3.58
C ASP A 133 7.04 -21.84 2.32
N ILE A 134 6.20 -22.46 1.49
CA ILE A 134 5.68 -21.82 0.29
C ILE A 134 4.22 -21.38 0.47
N SER A 135 3.76 -21.27 1.70
CA SER A 135 2.37 -20.91 1.95
C SER A 135 2.15 -19.42 1.68
N THR A 136 0.94 -19.08 1.29
CA THR A 136 0.57 -17.71 0.94
C THR A 136 -0.67 -17.28 1.71
N GLU A 137 -0.67 -17.53 3.01
CA GLU A 137 -1.77 -17.17 3.87
C GLU A 137 -1.47 -15.89 4.62
N ILE A 138 -2.50 -15.07 4.81
CA ILE A 138 -2.34 -13.77 5.44
C ILE A 138 -1.72 -13.93 6.83
N TYR A 139 -0.78 -13.05 7.16
CA TYR A 139 -0.09 -13.11 8.44
C TYR A 139 -0.79 -12.24 9.47
N GLN A 140 -1.31 -12.88 10.52
CA GLN A 140 -2.01 -12.16 11.59
C GLN A 140 -0.97 -11.52 12.50
N ALA A 141 -0.78 -10.23 12.35
CA ALA A 141 0.24 -9.52 13.11
C ALA A 141 -0.18 -9.28 14.56
N GLY A 142 -1.48 -9.26 14.81
CA GLY A 142 -2.01 -8.90 16.13
C GLY A 142 -3.19 -9.74 16.62
N ASN A 143 -4.21 -9.10 17.20
CA ASN A 143 -5.35 -9.70 17.93
C ASN A 143 -6.54 -10.10 17.09
N LYS A 144 -6.77 -9.38 16.01
CA LYS A 144 -8.02 -9.53 15.26
C LYS A 144 -7.87 -10.53 14.12
N PRO A 145 -8.86 -11.40 13.87
CA PRO A 145 -8.74 -12.32 12.76
C PRO A 145 -8.72 -11.57 11.43
N CYS A 146 -8.06 -12.17 10.45
CA CYS A 146 -7.85 -11.51 9.15
C CYS A 146 -8.92 -11.85 8.10
N ASN A 147 -9.71 -12.94 8.25
CA ASN A 147 -10.78 -13.35 7.34
C ASN A 147 -10.29 -13.35 5.89
N GLY A 148 -9.05 -13.79 5.68
CA GLY A 148 -8.55 -14.09 4.36
C GLY A 148 -8.11 -12.89 3.55
N VAL A 149 -8.32 -11.68 4.03
CA VAL A 149 -7.91 -10.49 3.30
C VAL A 149 -6.82 -9.77 4.09
N ALA A 150 -5.99 -9.02 3.38
CA ALA A 150 -4.94 -8.24 3.99
C ALA A 150 -5.47 -6.87 4.41
N GLY A 151 -5.02 -6.41 5.57
CA GLY A 151 -5.44 -5.11 6.05
C GLY A 151 -4.68 -4.66 7.28
N PHE A 152 -5.38 -4.01 8.21
CA PHE A 152 -4.76 -3.59 9.45
C PHE A 152 -4.29 -4.80 10.24
N ASN A 153 -2.99 -4.83 10.55
CA ASN A 153 -2.35 -5.91 11.29
C ASN A 153 -2.48 -7.26 10.61
N CYS A 154 -2.72 -7.28 9.30
CA CYS A 154 -2.84 -8.51 8.53
C CYS A 154 -2.11 -8.31 7.21
N TYR A 155 -0.95 -8.94 7.07
CA TYR A 155 -0.06 -8.70 5.94
C TYR A 155 0.05 -9.95 5.06
N PHE A 156 0.07 -9.74 3.75
CA PHE A 156 0.45 -10.81 2.84
C PHE A 156 1.92 -11.15 3.09
N PRO A 157 2.28 -12.41 3.31
CA PRO A 157 3.61 -12.70 3.88
C PRO A 157 4.76 -12.54 2.91
N LEU A 158 4.53 -12.55 1.61
CA LEU A 158 5.59 -12.52 0.62
C LEU A 158 5.71 -11.14 0.02
N ARG A 159 6.95 -10.66 -0.17
CA ARG A 159 7.31 -9.37 -0.75
C ARG A 159 8.24 -9.67 -1.93
N SER A 160 8.41 -8.73 -2.81
CA SER A 160 9.15 -8.91 -4.04
C SER A 160 10.46 -8.14 -4.01
N TYR A 161 11.52 -8.78 -4.49
CA TYR A 161 12.82 -8.12 -4.56
C TYR A 161 12.83 -6.96 -5.54
N SER A 162 12.01 -7.06 -6.60
CA SER A 162 11.92 -6.04 -7.65
C SER A 162 13.30 -5.52 -8.06
N PHE A 163 14.13 -6.43 -8.54
CA PHE A 163 15.52 -6.10 -8.89
C PHE A 163 15.58 -5.14 -10.07
N ARG A 164 16.62 -4.30 -10.06
CA ARG A 164 16.91 -3.31 -11.10
C ARG A 164 18.41 -3.27 -11.34
N PRO A 165 18.86 -3.12 -12.59
CA PRO A 165 20.31 -3.14 -12.84
C PRO A 165 21.04 -1.92 -12.29
N THR A 166 20.34 -0.81 -12.09
CA THR A 166 20.98 0.42 -11.61
C THR A 166 21.26 0.41 -10.12
N TYR A 167 20.85 -0.64 -9.40
CA TYR A 167 21.05 -0.67 -7.96
C TYR A 167 22.50 -1.02 -7.63
N GLY A 168 22.90 -0.71 -6.39
CA GLY A 168 24.21 -1.07 -5.94
C GLY A 168 24.38 -2.57 -5.83
N VAL A 169 25.63 -3.02 -5.97
CA VAL A 169 25.93 -4.45 -5.98
C VAL A 169 25.25 -5.16 -4.82
N GLY A 170 25.25 -4.54 -3.64
CA GLY A 170 24.64 -5.15 -2.48
C GLY A 170 23.14 -5.34 -2.59
N HIS A 171 22.51 -4.64 -3.54
CA HIS A 171 21.08 -4.81 -3.80
C HIS A 171 20.81 -5.59 -5.07
N GLN A 172 21.84 -5.97 -5.81
CA GLN A 172 21.67 -6.69 -7.05
C GLN A 172 21.36 -8.16 -6.79
N PRO A 173 20.77 -8.85 -7.76
CA PRO A 173 20.41 -10.25 -7.56
C PRO A 173 21.63 -11.16 -7.65
N TYR A 174 21.70 -12.12 -6.73
CA TYR A 174 22.73 -13.14 -6.75
C TYR A 174 22.08 -14.52 -6.79
N ARG A 175 22.62 -15.39 -7.64
CA ARG A 175 22.19 -16.78 -7.72
C ARG A 175 23.04 -17.61 -6.78
N VAL A 176 22.39 -18.49 -6.02
CA VAL A 176 23.05 -19.26 -4.99
C VAL A 176 22.75 -20.73 -5.20
N VAL A 177 23.77 -21.57 -5.06
CA VAL A 177 23.62 -23.02 -5.08
C VAL A 177 24.27 -23.56 -3.81
N VAL A 178 23.48 -24.29 -3.01
CA VAL A 178 23.96 -24.88 -1.76
C VAL A 178 24.06 -26.38 -1.97
N LEU A 179 25.25 -26.93 -1.70
CA LEU A 179 25.53 -28.35 -1.88
C LEU A 179 25.65 -29.01 -0.53
N SER A 180 24.74 -29.93 -0.24
CA SER A 180 24.82 -30.80 0.93
C SER A 180 25.31 -32.17 0.47
N PHE A 181 26.31 -32.69 1.15
CA PHE A 181 26.85 -34.01 0.84
C PHE A 181 26.38 -35.00 1.88
N GLU A 182 25.39 -35.80 1.50
CA GLU A 182 24.83 -36.81 2.39
C GLU A 182 25.79 -37.99 2.49
N LEU A 183 25.97 -38.47 3.71
CA LEU A 183 26.86 -39.59 4.00
C LEU A 183 26.14 -40.54 4.94
N LEU A 184 25.59 -41.62 4.38
CA LEU A 184 24.91 -42.65 5.13
C LEU A 184 25.80 -43.88 5.22
N HIS A 185 25.42 -44.80 6.12
CA HIS A 185 26.06 -46.11 6.19
C HIS A 185 25.49 -47.02 5.09
N ALA A 186 25.67 -46.56 3.86
CA ALA A 186 25.11 -47.23 2.70
C ALA A 186 26.08 -47.07 1.54
N PRO A 187 25.89 -47.82 0.46
CA PRO A 187 26.82 -47.73 -0.68
C PRO A 187 26.79 -46.34 -1.30
N ALA A 188 27.96 -45.86 -1.71
CA ALA A 188 28.04 -44.57 -2.38
C ALA A 188 27.45 -44.67 -3.77
N THR A 189 26.75 -43.60 -4.18
CA THR A 189 26.24 -43.50 -5.54
C THR A 189 26.77 -42.27 -6.27
N VAL A 190 27.50 -41.38 -5.60
CA VAL A 190 28.00 -40.14 -6.19
C VAL A 190 29.49 -40.01 -5.84
N CYS A 191 30.35 -40.22 -6.83
CA CYS A 191 31.79 -40.17 -6.65
C CYS A 191 32.41 -39.26 -7.70
N GLY A 192 33.50 -38.59 -7.32
CA GLY A 192 34.28 -37.84 -8.26
C GLY A 192 34.93 -38.77 -9.28
N PRO A 193 35.52 -38.20 -10.33
CA PRO A 193 36.14 -39.06 -11.37
C PRO A 193 37.30 -39.89 -10.82
N LYS A 194 38.11 -39.31 -9.93
CA LYS A 194 39.27 -40.01 -9.40
C LYS A 194 38.90 -41.15 -8.47
N LYS A 195 37.70 -41.12 -7.89
CA LYS A 195 37.23 -42.22 -7.05
C LYS A 195 35.91 -42.78 -7.58
N GLN B 1 -5.82 -7.07 -26.02
CA GLN B 1 -5.47 -7.61 -27.35
C GLN B 1 -4.24 -8.48 -27.24
N SER B 2 -4.24 -9.59 -27.97
CA SER B 2 -3.09 -10.52 -27.91
C SER B 2 -1.87 -9.92 -28.60
N VAL B 3 -0.68 -10.37 -28.25
CA VAL B 3 0.57 -9.83 -28.87
C VAL B 3 0.76 -10.54 -30.20
N LEU B 4 0.30 -11.76 -30.35
CA LEU B 4 0.31 -12.43 -31.64
C LEU B 4 -1.05 -12.22 -32.31
N THR B 5 -1.04 -11.87 -33.59
CA THR B 5 -2.27 -11.48 -34.30
C THR B 5 -2.73 -12.59 -35.23
N GLN B 6 -4.03 -12.88 -35.18
CA GLN B 6 -4.66 -14.02 -35.82
C GLN B 6 -5.98 -13.55 -36.41
N PRO B 7 -6.33 -13.98 -37.63
CA PRO B 7 -7.64 -13.64 -38.18
C PRO B 7 -8.75 -14.21 -37.33
N PRO B 8 -9.76 -13.41 -36.97
CA PRO B 8 -10.86 -13.97 -36.16
C PRO B 8 -11.51 -15.17 -36.82
N SER B 9 -11.67 -15.14 -38.15
CA SER B 9 -12.42 -16.15 -38.87
C SER B 9 -11.73 -16.57 -40.16
N VAL B 10 -11.78 -17.87 -40.43
CA VAL B 10 -11.43 -18.43 -41.73
C VAL B 10 -12.48 -19.49 -42.03
N SER B 11 -12.70 -19.74 -43.32
CA SER B 11 -13.68 -20.73 -43.72
C SER B 11 -13.33 -21.23 -45.11
N GLY B 12 -13.66 -22.49 -45.35
CA GLY B 12 -13.50 -23.09 -46.66
C GLY B 12 -14.45 -24.26 -46.77
N ALA B 13 -14.55 -24.79 -47.96
CA ALA B 13 -15.38 -25.95 -48.22
C ALA B 13 -14.60 -27.23 -47.98
N PRO B 14 -15.29 -28.35 -47.78
CA PRO B 14 -14.57 -29.63 -47.65
C PRO B 14 -13.69 -29.88 -48.86
N GLY B 15 -12.50 -30.42 -48.61
CA GLY B 15 -11.56 -30.74 -49.66
C GLY B 15 -10.60 -29.63 -50.02
N GLN B 16 -10.92 -28.39 -49.67
CA GLN B 16 -10.08 -27.26 -50.04
C GLN B 16 -8.88 -27.15 -49.09
N ARG B 17 -7.99 -26.22 -49.40
CA ARG B 17 -6.85 -25.90 -48.54
C ARG B 17 -7.07 -24.52 -47.93
N VAL B 18 -7.04 -24.46 -46.61
CA VAL B 18 -7.16 -23.21 -45.87
C VAL B 18 -5.89 -23.00 -45.06
N THR B 19 -5.53 -21.74 -44.85
CA THR B 19 -4.38 -21.38 -44.03
C THR B 19 -4.80 -20.38 -42.97
N ILE B 20 -4.04 -20.35 -41.89
CA ILE B 20 -4.24 -19.42 -40.78
C ILE B 20 -2.91 -18.75 -40.48
N SER B 21 -2.91 -17.43 -40.44
CA SER B 21 -1.70 -16.65 -40.26
C SER B 21 -1.59 -16.18 -38.82
N CYS B 22 -0.34 -16.01 -38.37
CA CYS B 22 -0.04 -15.63 -36.98
C CYS B 22 1.18 -14.72 -37.06
N THR B 23 1.00 -13.43 -36.83
CA THR B 23 2.08 -12.46 -36.97
C THR B 23 2.46 -11.91 -35.60
N GLY B 24 3.76 -11.72 -35.40
CA GLY B 24 4.31 -11.32 -34.12
C GLY B 24 5.16 -10.07 -34.26
N SER B 25 6.25 -10.02 -33.49
CA SER B 25 7.05 -8.80 -33.41
C SER B 25 8.53 -9.15 -33.37
N SER B 26 9.34 -8.09 -33.30
CA SER B 26 10.76 -8.22 -33.00
C SER B 26 10.98 -8.92 -31.67
N SER B 27 10.00 -8.82 -30.76
CA SER B 27 10.20 -9.32 -29.41
C SER B 27 10.05 -10.84 -29.35
N ASN B 28 9.11 -11.41 -30.12
CA ASN B 28 8.77 -12.81 -29.93
C ASN B 28 9.09 -13.70 -31.12
N ILE B 29 8.39 -13.55 -32.26
CA ILE B 29 8.62 -14.52 -33.32
C ILE B 29 9.87 -14.14 -34.10
N GLY B 30 10.00 -12.85 -34.42
CA GLY B 30 11.21 -12.36 -35.05
C GLY B 30 12.43 -12.44 -34.16
N ALA B 31 12.24 -12.63 -32.86
CA ALA B 31 13.36 -12.83 -31.96
C ALA B 31 13.91 -14.25 -32.01
N GLY B 32 13.21 -15.19 -32.66
CA GLY B 32 13.70 -16.53 -32.86
C GLY B 32 13.02 -17.61 -32.04
N TYR B 33 12.03 -17.26 -31.21
CA TYR B 33 11.31 -18.27 -30.45
C TYR B 33 10.43 -19.12 -31.37
N ASP B 34 10.37 -20.41 -31.07
CA ASP B 34 9.49 -21.30 -31.83
C ASP B 34 8.04 -20.86 -31.68
N VAL B 35 7.20 -21.40 -32.56
CA VAL B 35 5.77 -21.13 -32.57
C VAL B 35 5.04 -22.45 -32.49
N HIS B 36 4.03 -22.52 -31.63
CA HIS B 36 3.23 -23.72 -31.44
C HIS B 36 1.78 -23.40 -31.76
N TRP B 37 1.04 -24.42 -32.18
CA TRP B 37 -0.35 -24.28 -32.56
C TRP B 37 -1.21 -25.23 -31.74
N TYR B 38 -2.41 -24.77 -31.38
CA TYR B 38 -3.34 -25.54 -30.58
C TYR B 38 -4.70 -25.57 -31.26
N GLN B 39 -5.46 -26.61 -30.95
CA GLN B 39 -6.77 -26.84 -31.53
C GLN B 39 -7.74 -27.13 -30.40
N GLN B 40 -8.86 -26.43 -30.39
CA GLN B 40 -9.85 -26.53 -29.33
C GLN B 40 -11.24 -26.60 -29.92
N LEU B 41 -12.12 -27.45 -29.31
CA LEU B 41 -13.53 -27.49 -29.66
C LEU B 41 -14.36 -26.77 -28.60
N PRO B 42 -15.52 -26.24 -28.96
CA PRO B 42 -16.40 -25.63 -27.94
C PRO B 42 -16.71 -26.61 -26.82
N GLY B 43 -16.39 -26.21 -25.60
CA GLY B 43 -16.58 -27.06 -24.44
C GLY B 43 -15.44 -28.01 -24.16
N THR B 44 -14.34 -27.89 -24.88
CA THR B 44 -13.23 -28.83 -24.81
C THR B 44 -11.95 -28.11 -24.40
N ALA B 45 -11.09 -28.82 -23.68
CA ALA B 45 -9.78 -28.31 -23.37
C ALA B 45 -8.93 -28.29 -24.64
N PRO B 46 -7.96 -27.39 -24.73
CA PRO B 46 -7.13 -27.31 -25.94
C PRO B 46 -6.32 -28.58 -26.14
N LYS B 47 -5.77 -28.71 -27.36
CA LYS B 47 -4.98 -29.86 -27.76
C LYS B 47 -3.81 -29.36 -28.60
N LEU B 48 -2.60 -29.79 -28.26
CA LEU B 48 -1.44 -29.42 -29.05
C LEU B 48 -1.55 -30.04 -30.44
N LEU B 49 -1.35 -29.20 -31.46
CA LEU B 49 -1.52 -29.58 -32.86
C LEU B 49 -0.24 -29.48 -33.67
N ILE B 50 0.58 -28.48 -33.41
CA ILE B 50 1.89 -28.33 -34.03
C ILE B 50 2.83 -27.78 -32.97
N TYR B 51 4.04 -28.34 -32.87
CA TYR B 51 5.04 -27.83 -31.94
C TYR B 51 6.36 -27.63 -32.69
N ASP B 52 7.16 -26.68 -32.19
CA ASP B 52 8.44 -26.33 -32.80
C ASP B 52 8.26 -26.03 -34.29
N ASN B 53 7.19 -25.31 -34.57
CA ASN B 53 6.84 -24.64 -35.81
C ASN B 53 6.37 -25.55 -36.94
N ASN B 54 6.75 -26.84 -36.92
CA ASN B 54 6.30 -27.71 -38.00
C ASN B 54 6.15 -29.18 -37.61
N ASN B 55 6.28 -29.53 -36.34
CA ASN B 55 6.21 -30.93 -35.93
C ASN B 55 4.80 -31.27 -35.50
N ARG B 56 4.29 -32.39 -35.98
CA ARG B 56 2.93 -32.79 -35.69
C ARG B 56 2.93 -33.77 -34.51
N PRO B 57 2.21 -33.47 -33.43
CA PRO B 57 2.02 -34.49 -32.38
C PRO B 57 1.51 -35.78 -33.02
N SER B 58 1.98 -36.91 -32.48
CA SER B 58 1.45 -38.20 -32.89
C SER B 58 -0.07 -38.16 -32.86
N GLY B 59 -0.69 -38.59 -33.95
CA GLY B 59 -2.14 -38.60 -34.06
C GLY B 59 -2.74 -37.36 -34.67
N VAL B 60 -1.94 -36.38 -35.04
CA VAL B 60 -2.38 -35.24 -35.82
C VAL B 60 -2.10 -35.56 -37.31
N PRO B 61 -3.08 -35.64 -38.17
CA PRO B 61 -2.83 -36.12 -39.52
C PRO B 61 -1.92 -35.18 -40.31
N ASP B 62 -1.23 -35.76 -41.29
CA ASP B 62 -0.23 -35.03 -42.07
C ASP B 62 -0.82 -33.91 -42.92
N ARG B 63 -2.15 -33.78 -42.98
CA ARG B 63 -2.73 -32.68 -43.74
C ARG B 63 -2.72 -31.36 -42.98
N PHE B 64 -2.25 -31.35 -41.73
CA PHE B 64 -1.88 -30.13 -41.04
C PHE B 64 -0.38 -29.91 -41.20
N SER B 65 0.02 -28.66 -41.37
CA SER B 65 1.43 -28.34 -41.45
C SER B 65 1.63 -26.92 -40.94
N GLY B 66 2.87 -26.62 -40.57
CA GLY B 66 3.18 -25.32 -39.98
C GLY B 66 4.48 -24.78 -40.53
N SER B 67 4.57 -23.46 -40.54
CA SER B 67 5.77 -22.77 -40.99
C SER B 67 5.92 -21.46 -40.23
N LYS B 68 7.17 -21.01 -40.13
CA LYS B 68 7.53 -19.79 -39.41
C LYS B 68 8.60 -19.07 -40.21
N SER B 69 8.44 -17.77 -40.41
CA SER B 69 9.43 -17.00 -41.13
C SER B 69 9.39 -15.56 -40.66
N GLY B 70 10.55 -15.05 -40.26
CA GLY B 70 10.65 -13.66 -39.83
C GLY B 70 9.71 -13.38 -38.67
N THR B 71 8.66 -12.59 -38.92
CA THR B 71 7.78 -12.18 -37.84
C THR B 71 6.49 -12.99 -37.80
N SER B 72 6.41 -14.05 -38.59
CA SER B 72 5.12 -14.66 -38.86
C SER B 72 5.24 -16.17 -38.90
N ALA B 73 4.11 -16.81 -38.65
CA ALA B 73 3.94 -18.26 -38.71
C ALA B 73 2.61 -18.54 -39.38
N SER B 74 2.42 -19.79 -39.81
CA SER B 74 1.21 -20.13 -40.53
C SER B 74 0.90 -21.61 -40.36
N LEU B 75 -0.38 -21.89 -40.19
CA LEU B 75 -0.90 -23.26 -40.15
C LEU B 75 -1.66 -23.51 -41.44
N ALA B 76 -1.41 -24.66 -42.06
CA ALA B 76 -2.02 -25.02 -43.33
C ALA B 76 -2.81 -26.30 -43.17
N ILE B 77 -4.05 -26.30 -43.68
CA ILE B 77 -4.93 -27.47 -43.67
C ILE B 77 -5.35 -27.72 -45.11
N THR B 78 -4.99 -28.88 -45.64
CA THR B 78 -5.02 -29.11 -47.08
C THR B 78 -6.20 -29.95 -47.55
N GLY B 79 -6.62 -30.93 -46.76
CA GLY B 79 -7.70 -31.80 -47.18
C GLY B 79 -8.96 -31.55 -46.40
N LEU B 80 -9.30 -30.28 -46.20
CA LEU B 80 -10.24 -29.86 -45.17
C LEU B 80 -11.42 -30.83 -45.03
N GLN B 81 -11.66 -31.25 -43.80
CA GLN B 81 -12.74 -32.15 -43.45
C GLN B 81 -13.63 -31.49 -42.40
N ALA B 82 -14.92 -31.86 -42.42
CA ALA B 82 -15.85 -31.32 -41.44
C ALA B 82 -15.28 -31.44 -40.02
N GLU B 83 -14.48 -32.47 -39.77
CA GLU B 83 -13.93 -32.64 -38.44
C GLU B 83 -13.07 -31.45 -38.04
N ASP B 84 -12.45 -30.77 -39.02
CA ASP B 84 -11.46 -29.74 -38.73
C ASP B 84 -12.07 -28.46 -38.16
N GLU B 85 -13.38 -28.36 -38.11
CA GLU B 85 -14.04 -27.16 -37.58
C GLU B 85 -13.73 -27.04 -36.09
N ALA B 86 -12.96 -26.02 -35.72
CA ALA B 86 -12.54 -25.81 -34.34
C ALA B 86 -11.91 -24.43 -34.25
N ASP B 87 -11.54 -24.04 -33.04
CA ASP B 87 -10.72 -22.85 -32.81
C ASP B 87 -9.25 -23.25 -32.80
N TYR B 88 -8.42 -22.45 -33.47
CA TYR B 88 -6.99 -22.68 -33.51
C TYR B 88 -6.25 -21.47 -32.94
N TYR B 89 -5.24 -21.75 -32.13
CA TYR B 89 -4.45 -20.72 -31.46
C TYR B 89 -2.98 -20.96 -31.73
N CYS B 90 -2.28 -19.94 -32.23
CA CYS B 90 -0.83 -19.98 -32.27
C CYS B 90 -0.27 -19.50 -30.93
N GLN B 91 1.01 -19.77 -30.70
CA GLN B 91 1.61 -19.47 -29.40
C GLN B 91 3.12 -19.44 -29.52
N SER B 92 3.74 -18.56 -28.73
CA SER B 92 5.17 -18.36 -28.78
C SER B 92 5.60 -17.75 -27.44
N PHE B 93 6.79 -17.17 -27.41
CA PHE B 93 7.33 -16.51 -26.23
C PHE B 93 7.75 -15.10 -26.60
N ASP B 94 7.55 -14.16 -25.67
CA ASP B 94 7.90 -12.77 -25.88
C ASP B 94 8.89 -12.34 -24.80
N SER B 95 10.13 -12.06 -25.21
CA SER B 95 11.17 -11.68 -24.27
C SER B 95 10.97 -10.28 -23.70
N SER B 96 10.25 -9.41 -24.40
CA SER B 96 9.92 -8.12 -23.83
C SER B 96 9.04 -8.27 -22.59
N LEU B 97 8.03 -9.14 -22.65
CA LEU B 97 7.17 -9.38 -21.50
C LEU B 97 7.66 -10.52 -20.63
N SER B 98 8.67 -11.27 -21.07
CA SER B 98 9.12 -12.47 -20.37
C SER B 98 7.92 -13.35 -20.03
N GLY B 99 7.22 -13.78 -21.08
CA GLY B 99 6.06 -14.62 -20.89
C GLY B 99 5.66 -15.33 -22.16
N VAL B 100 4.92 -16.42 -21.98
CA VAL B 100 4.29 -17.08 -23.11
C VAL B 100 3.17 -16.19 -23.63
N VAL B 101 2.97 -16.19 -24.94
CA VAL B 101 2.00 -15.31 -25.60
C VAL B 101 1.16 -16.12 -26.56
N PHE B 102 -0.16 -16.02 -26.42
CA PHE B 102 -1.10 -16.71 -27.29
C PHE B 102 -1.66 -15.73 -28.31
N GLY B 103 -1.95 -16.25 -29.50
CA GLY B 103 -2.69 -15.49 -30.47
C GLY B 103 -4.17 -15.41 -30.10
N GLY B 104 -4.86 -14.49 -30.76
CA GLY B 104 -6.25 -14.19 -30.41
C GLY B 104 -7.21 -15.32 -30.67
N GLY B 105 -6.81 -16.30 -31.47
CA GLY B 105 -7.68 -17.42 -31.81
C GLY B 105 -8.38 -17.21 -33.14
N THR B 106 -8.59 -18.32 -33.86
CA THR B 106 -9.20 -18.28 -35.18
C THR B 106 -10.32 -19.30 -35.26
N ARG B 107 -11.54 -18.83 -35.55
CA ARG B 107 -12.68 -19.70 -35.79
C ARG B 107 -12.62 -20.22 -37.22
N LEU B 108 -12.41 -21.53 -37.37
CA LEU B 108 -12.36 -22.16 -38.69
C LEU B 108 -13.66 -22.92 -38.92
N THR B 109 -14.46 -22.46 -39.88
CA THR B 109 -15.71 -23.11 -40.23
C THR B 109 -15.53 -23.89 -41.52
N VAL B 110 -15.89 -25.17 -41.50
CA VAL B 110 -15.95 -25.98 -42.71
C VAL B 110 -17.35 -25.82 -43.27
N LEU B 111 -17.47 -25.08 -44.37
CA LEU B 111 -18.77 -24.71 -44.88
C LEU B 111 -19.57 -25.94 -45.30
N ARG B 112 -20.75 -26.13 -44.74
CA ARG B 112 -21.72 -27.19 -45.05
C ARG B 112 -22.59 -26.68 -46.20
N GLN B 113 -22.98 -25.40 -46.14
CA GLN B 113 -23.90 -24.76 -47.05
C GLN B 113 -23.32 -23.41 -47.45
N PRO B 114 -23.98 -22.67 -48.33
CA PRO B 114 -23.58 -21.29 -48.59
C PRO B 114 -23.74 -20.44 -47.33
N LYS B 115 -23.12 -19.27 -47.33
CA LYS B 115 -23.23 -18.37 -46.20
C LYS B 115 -24.68 -17.94 -46.01
N ALA B 116 -25.15 -17.97 -44.75
CA ALA B 116 -26.41 -17.37 -44.38
C ALA B 116 -26.19 -15.89 -44.06
N ALA B 117 -27.28 -15.14 -43.94
CA ALA B 117 -27.18 -13.72 -43.69
C ALA B 117 -27.89 -13.34 -42.39
N PRO B 118 -27.37 -12.36 -41.66
CA PRO B 118 -28.00 -12.01 -40.37
C PRO B 118 -29.28 -11.21 -40.56
N SER B 119 -30.33 -11.61 -39.84
CA SER B 119 -31.51 -10.77 -39.64
C SER B 119 -31.28 -9.92 -38.39
N VAL B 120 -31.26 -8.60 -38.56
CA VAL B 120 -31.01 -7.67 -37.47
C VAL B 120 -32.28 -6.90 -37.21
N THR B 121 -32.66 -6.81 -35.92
CA THR B 121 -33.85 -6.10 -35.48
C THR B 121 -33.46 -5.24 -34.28
N LEU B 122 -33.58 -3.92 -34.42
CA LEU B 122 -33.27 -2.98 -33.35
C LEU B 122 -34.56 -2.54 -32.65
N PHE B 123 -34.46 -2.33 -31.34
CA PHE B 123 -35.57 -1.87 -30.52
C PHE B 123 -35.14 -0.62 -29.76
N PRO B 124 -36.00 0.39 -29.65
CA PRO B 124 -35.66 1.57 -28.86
C PRO B 124 -35.82 1.29 -27.38
N PRO B 125 -35.54 2.26 -26.51
CA PRO B 125 -35.86 2.07 -25.08
C PRO B 125 -37.36 2.10 -24.87
N SER B 126 -37.84 1.27 -23.95
CA SER B 126 -39.27 1.21 -23.66
C SER B 126 -39.75 2.50 -22.99
N SER B 127 -41.04 2.78 -23.14
CA SER B 127 -41.63 3.95 -22.52
C SER B 127 -41.54 3.89 -21.00
N GLU B 128 -41.85 2.73 -20.42
CA GLU B 128 -41.84 2.57 -18.97
C GLU B 128 -40.44 2.33 -18.42
N GLU B 129 -39.43 2.25 -19.29
CA GLU B 129 -38.06 2.21 -18.83
C GLU B 129 -37.40 3.59 -18.83
N LEU B 130 -37.87 4.50 -19.69
CA LEU B 130 -37.48 5.89 -19.57
C LEU B 130 -38.23 6.59 -18.44
N GLN B 131 -39.36 6.03 -18.00
CA GLN B 131 -40.00 6.52 -16.77
C GLN B 131 -39.21 6.10 -15.54
N ALA B 132 -38.46 5.01 -15.69
CA ALA B 132 -37.49 4.50 -14.69
C ALA B 132 -36.10 5.10 -15.03
N ASN B 133 -35.13 4.86 -14.17
CA ASN B 133 -33.75 5.41 -14.26
C ASN B 133 -33.15 5.47 -15.67
N LYS B 134 -33.28 4.41 -16.45
CA LYS B 134 -32.36 4.13 -17.57
C LYS B 134 -32.99 4.16 -18.98
N ALA B 135 -32.17 3.83 -19.95
CA ALA B 135 -32.56 3.65 -21.34
C ALA B 135 -31.63 2.61 -21.94
N THR B 136 -32.19 1.60 -22.60
CA THR B 136 -31.37 0.56 -23.20
C THR B 136 -31.91 0.18 -24.58
N LEU B 137 -31.03 0.21 -25.57
CA LEU B 137 -31.34 -0.16 -26.96
C LEU B 137 -30.91 -1.60 -27.20
N VAL B 138 -31.79 -2.41 -27.79
CA VAL B 138 -31.53 -3.83 -28.01
C VAL B 138 -31.41 -4.12 -29.50
N CYS B 139 -30.39 -4.90 -29.86
CA CYS B 139 -30.08 -5.26 -31.24
C CYS B 139 -29.82 -6.77 -31.28
N LEU B 140 -30.80 -7.53 -31.77
CA LEU B 140 -30.74 -8.99 -31.75
C LEU B 140 -30.48 -9.53 -33.14
N ILE B 141 -29.58 -10.50 -33.25
CA ILE B 141 -28.98 -10.93 -34.52
C ILE B 141 -29.22 -12.42 -34.69
N SER B 142 -30.05 -12.84 -35.65
CA SER B 142 -30.37 -14.27 -35.81
C SER B 142 -30.10 -14.76 -37.23
N ASP B 143 -29.88 -16.06 -37.37
CA ASP B 143 -29.84 -16.84 -38.62
C ASP B 143 -28.62 -16.56 -39.48
N PHE B 144 -27.45 -16.31 -38.93
CA PHE B 144 -26.27 -16.07 -39.75
C PHE B 144 -25.32 -17.26 -39.65
N TYR B 145 -24.45 -17.39 -40.64
CA TYR B 145 -23.54 -18.51 -40.81
C TYR B 145 -22.48 -18.10 -41.82
N PRO B 146 -21.17 -18.23 -41.53
CA PRO B 146 -20.56 -18.73 -40.29
C PRO B 146 -20.89 -17.93 -39.03
N GLY B 147 -20.38 -18.40 -37.88
CA GLY B 147 -20.69 -17.80 -36.60
C GLY B 147 -19.74 -16.72 -36.16
N ALA B 148 -19.35 -15.83 -37.06
CA ALA B 148 -18.51 -14.67 -36.75
C ALA B 148 -19.30 -13.42 -37.07
N VAL B 149 -19.42 -12.53 -36.08
CA VAL B 149 -20.27 -11.35 -36.18
C VAL B 149 -19.66 -10.28 -35.28
N THR B 150 -19.44 -9.10 -35.83
CA THR B 150 -18.97 -7.95 -35.06
C THR B 150 -20.06 -6.89 -35.06
N VAL B 151 -20.43 -6.42 -33.88
CA VAL B 151 -21.46 -5.40 -33.72
C VAL B 151 -20.78 -4.09 -33.38
N ALA B 152 -21.21 -3.01 -34.04
CA ALA B 152 -20.71 -1.67 -33.77
C ALA B 152 -21.91 -0.73 -33.69
N TRP B 153 -21.97 0.12 -32.68
CA TRP B 153 -23.05 1.12 -32.55
C TRP B 153 -22.56 2.43 -33.08
N LYS B 154 -23.47 3.27 -33.52
CA LYS B 154 -23.07 4.61 -33.91
C LYS B 154 -24.15 5.54 -33.37
N ALA B 155 -23.77 6.66 -32.74
CA ALA B 155 -24.68 7.70 -32.24
C ALA B 155 -24.44 8.94 -33.11
N ASP B 156 -25.35 9.30 -34.01
CA ASP B 156 -25.21 10.46 -34.92
C ASP B 156 -23.94 10.31 -35.73
N SER B 157 -23.83 9.19 -36.46
CA SER B 157 -22.72 8.83 -37.36
C SER B 157 -21.37 8.87 -36.64
N SER B 158 -21.40 8.80 -35.32
CA SER B 158 -20.18 8.88 -34.51
C SER B 158 -19.98 7.55 -33.81
N PRO B 159 -18.75 7.14 -33.47
CA PRO B 159 -18.55 5.84 -32.84
C PRO B 159 -19.06 5.86 -31.40
N VAL B 160 -19.46 4.70 -30.88
CA VAL B 160 -19.93 4.54 -29.49
C VAL B 160 -19.22 3.34 -28.87
N LYS B 161 -18.52 3.49 -27.76
CA LYS B 161 -17.96 2.35 -27.01
C LYS B 161 -18.14 2.53 -25.50
N ALA B 162 -18.96 3.46 -25.01
CA ALA B 162 -19.04 3.69 -23.57
C ALA B 162 -19.77 2.53 -22.89
N GLY B 163 -21.02 2.29 -23.28
CA GLY B 163 -21.89 1.40 -22.53
C GLY B 163 -22.44 0.19 -23.27
N VAL B 164 -21.65 -0.53 -24.09
CA VAL B 164 -22.28 -1.61 -24.84
C VAL B 164 -21.71 -2.95 -24.34
N GLU B 165 -22.53 -3.98 -24.45
CA GLU B 165 -22.10 -5.36 -24.22
C GLU B 165 -22.69 -6.26 -25.29
N THR B 166 -21.82 -7.04 -25.93
CA THR B 166 -22.21 -7.94 -27.02
C THR B 166 -22.04 -9.39 -26.57
N THR B 167 -22.89 -10.28 -27.09
CA THR B 167 -22.78 -11.68 -26.70
C THR B 167 -21.82 -12.42 -27.62
N THR B 168 -21.42 -13.61 -27.22
CA THR B 168 -20.67 -14.52 -28.09
C THR B 168 -21.70 -15.19 -29.03
N PRO B 169 -21.48 -15.60 -30.40
CA PRO B 169 -22.37 -16.40 -31.58
C PRO B 169 -22.81 -17.65 -30.80
N SER B 170 -24.10 -17.94 -30.73
CA SER B 170 -24.63 -19.17 -30.12
C SER B 170 -25.31 -19.95 -31.23
N LYS B 171 -25.31 -21.27 -31.14
CA LYS B 171 -26.01 -22.12 -32.10
C LYS B 171 -27.50 -21.99 -31.81
N GLN B 172 -28.35 -22.20 -32.80
CA GLN B 172 -29.78 -22.21 -32.45
C GLN B 172 -30.22 -23.67 -32.28
N SER B 173 -31.50 -24.00 -32.42
CA SER B 173 -31.91 -25.44 -32.52
C SER B 173 -31.64 -25.93 -33.95
N ASN B 174 -31.56 -24.95 -34.86
CA ASN B 174 -30.98 -24.88 -36.20
C ASN B 174 -29.46 -24.98 -36.07
N ASN B 175 -28.72 -25.16 -37.13
CA ASN B 175 -27.24 -25.15 -37.00
C ASN B 175 -26.72 -23.72 -37.30
N LYS B 176 -27.61 -22.75 -37.54
CA LYS B 176 -27.33 -21.31 -37.73
C LYS B 176 -27.01 -20.67 -36.37
N TYR B 177 -26.57 -19.44 -36.42
CA TYR B 177 -25.99 -18.70 -35.27
C TYR B 177 -26.81 -17.49 -34.84
N ALA B 178 -26.74 -17.11 -33.57
CA ALA B 178 -27.47 -15.98 -32.94
C ALA B 178 -26.50 -15.16 -32.07
N ALA B 179 -26.84 -13.91 -31.83
CA ALA B 179 -26.02 -13.00 -31.01
C ALA B 179 -26.90 -11.85 -30.55
N SER B 180 -26.60 -11.28 -29.39
CA SER B 180 -27.29 -10.13 -28.82
C SER B 180 -26.28 -9.03 -28.57
N SER B 181 -26.71 -7.78 -28.79
CA SER B 181 -25.93 -6.61 -28.43
C SER B 181 -26.85 -5.64 -27.70
N TYR B 182 -26.41 -5.19 -26.53
CA TYR B 182 -27.20 -4.29 -25.69
C TYR B 182 -26.39 -3.02 -25.45
N LEU B 183 -26.99 -1.88 -25.79
CA LEU B 183 -26.36 -0.58 -25.58
C LEU B 183 -27.14 0.17 -24.51
N SER B 184 -26.47 0.48 -23.40
CA SER B 184 -27.10 1.15 -22.28
C SER B 184 -26.88 2.65 -22.38
N LEU B 185 -27.89 3.41 -21.98
CA LEU B 185 -27.84 4.86 -22.09
C LEU B 185 -28.65 5.48 -20.95
N THR B 186 -28.51 6.78 -20.78
CA THR B 186 -29.46 7.52 -19.96
C THR B 186 -30.58 8.05 -20.83
N PRO B 187 -31.75 8.37 -20.25
CA PRO B 187 -32.78 9.03 -21.06
C PRO B 187 -32.29 10.34 -21.65
N GLU B 188 -31.33 11.00 -20.99
CA GLU B 188 -30.71 12.20 -21.56
C GLU B 188 -29.97 11.86 -22.83
N GLN B 189 -28.98 10.96 -22.74
CA GLN B 189 -28.19 10.54 -23.88
C GLN B 189 -29.08 10.20 -25.07
N TRP B 190 -30.23 9.57 -24.81
CA TRP B 190 -31.00 9.06 -25.94
C TRP B 190 -31.63 10.18 -26.75
N LYS B 191 -31.94 11.34 -26.14
CA LYS B 191 -32.37 12.50 -26.90
C LYS B 191 -31.28 13.57 -27.04
N SER B 192 -30.22 13.50 -26.21
CA SER B 192 -29.07 14.39 -26.42
C SER B 192 -28.50 14.20 -27.82
N HIS B 193 -27.96 13.01 -28.10
CA HIS B 193 -27.74 12.60 -29.47
C HIS B 193 -29.09 12.35 -30.15
N LYS B 194 -29.07 12.22 -31.47
CA LYS B 194 -30.35 12.17 -32.17
C LYS B 194 -30.77 10.76 -32.59
N SER B 195 -29.98 10.10 -33.44
CA SER B 195 -30.38 8.81 -34.01
C SER B 195 -29.28 7.80 -33.76
N TYR B 196 -29.68 6.62 -33.27
CA TYR B 196 -28.74 5.56 -32.95
C TYR B 196 -28.87 4.44 -33.96
N SER B 197 -27.76 3.78 -34.23
CA SER B 197 -27.71 2.74 -35.24
C SER B 197 -26.99 1.53 -34.66
N CYS B 198 -27.45 0.35 -35.02
CA CYS B 198 -26.74 -0.90 -34.75
C CYS B 198 -26.21 -1.44 -36.07
N GLN B 199 -24.90 -1.64 -36.16
CA GLN B 199 -24.25 -2.08 -37.38
C GLN B 199 -23.67 -3.46 -37.17
N VAL B 200 -24.07 -4.41 -38.03
CA VAL B 200 -23.67 -5.80 -37.91
C VAL B 200 -22.83 -6.17 -39.13
N THR B 201 -21.64 -6.72 -38.87
CA THR B 201 -20.72 -7.14 -39.92
C THR B 201 -20.55 -8.65 -39.87
N HIS B 202 -20.81 -9.32 -40.98
CA HIS B 202 -20.78 -10.78 -41.04
C HIS B 202 -20.17 -11.22 -42.37
N GLU B 203 -19.33 -12.25 -42.30
CA GLU B 203 -18.52 -12.76 -43.41
C GLU B 203 -18.65 -12.02 -44.74
N GLU C 1 -0.27 -42.71 -17.79
CA GLU C 1 -0.99 -41.64 -18.53
C GLU C 1 -0.95 -40.34 -17.73
N VAL C 2 -0.65 -39.23 -18.41
CA VAL C 2 -0.56 -37.96 -17.71
C VAL C 2 -1.95 -37.51 -17.29
N GLN C 3 -2.09 -37.08 -16.03
CA GLN C 3 -3.36 -36.59 -15.50
C GLN C 3 -3.05 -35.30 -14.75
N LEU C 4 -3.81 -34.23 -14.98
CA LEU C 4 -3.65 -32.94 -14.30
C LEU C 4 -5.04 -32.51 -13.85
N VAL C 5 -5.24 -32.40 -12.54
CA VAL C 5 -6.57 -32.18 -11.96
C VAL C 5 -6.52 -30.85 -11.20
N GLU C 6 -7.12 -29.82 -11.76
CA GLU C 6 -7.16 -28.54 -11.08
C GLU C 6 -8.18 -28.57 -9.96
N SER C 7 -8.01 -27.64 -9.02
CA SER C 7 -8.94 -27.48 -7.91
C SER C 7 -8.66 -26.12 -7.27
N GLY C 8 -9.60 -25.69 -6.43
CA GLY C 8 -9.48 -24.43 -5.74
C GLY C 8 -10.36 -23.33 -6.32
N GLY C 9 -11.01 -23.58 -7.45
CA GLY C 9 -11.87 -22.60 -8.04
C GLY C 9 -13.08 -22.32 -7.15
N GLY C 10 -14.01 -21.56 -7.71
CA GLY C 10 -15.26 -21.27 -7.06
C GLY C 10 -15.62 -19.81 -7.26
N LEU C 11 -16.69 -19.40 -6.61
CA LEU C 11 -17.17 -18.02 -6.68
C LEU C 11 -16.53 -17.19 -5.58
N VAL C 12 -16.17 -15.96 -5.93
CA VAL C 12 -15.41 -15.07 -5.04
C VAL C 12 -15.78 -13.64 -5.37
N GLN C 13 -15.76 -12.78 -4.36
CA GLN C 13 -16.12 -11.40 -4.65
C GLN C 13 -14.87 -10.57 -4.94
N PRO C 14 -15.02 -9.49 -5.71
CA PRO C 14 -13.86 -8.67 -6.06
C PRO C 14 -13.06 -8.29 -4.81
N GLY C 15 -11.74 -8.27 -4.95
CA GLY C 15 -10.85 -7.97 -3.85
C GLY C 15 -10.46 -9.15 -2.99
N ARG C 16 -11.22 -10.23 -3.02
CA ARG C 16 -10.93 -11.39 -2.18
C ARG C 16 -9.76 -12.17 -2.79
N SER C 17 -9.48 -13.36 -2.25
CA SER C 17 -8.34 -14.15 -2.69
C SER C 17 -8.75 -15.60 -2.89
N LEU C 18 -7.88 -16.34 -3.58
CA LEU C 18 -8.15 -17.72 -3.94
C LEU C 18 -6.84 -18.38 -4.34
N ARG C 19 -6.70 -19.65 -3.99
CA ARG C 19 -5.50 -20.41 -4.31
C ARG C 19 -5.92 -21.63 -5.13
N LEU C 20 -5.45 -21.70 -6.36
CA LEU C 20 -5.68 -22.86 -7.19
C LEU C 20 -4.56 -23.87 -6.99
N SER C 21 -4.86 -25.13 -7.28
CA SER C 21 -3.90 -26.21 -7.18
C SER C 21 -4.10 -27.19 -8.31
N CYS C 22 -3.04 -27.90 -8.67
CA CYS C 22 -3.04 -28.87 -9.76
C CYS C 22 -2.21 -30.07 -9.35
N ALA C 23 -2.86 -31.22 -9.23
CA ALA C 23 -2.19 -32.47 -8.88
C ALA C 23 -1.72 -33.15 -10.16
N ALA C 24 -0.41 -33.37 -10.27
CA ALA C 24 0.21 -33.89 -11.47
C ALA C 24 0.47 -35.37 -11.31
N SER C 25 0.13 -36.15 -12.33
CA SER C 25 0.18 -37.61 -12.28
C SER C 25 0.65 -38.13 -13.63
N GLY C 26 1.42 -39.22 -13.58
CA GLY C 26 1.76 -39.95 -14.79
C GLY C 26 3.01 -39.50 -15.50
N PHE C 27 3.89 -38.76 -14.84
CA PHE C 27 5.13 -38.33 -15.49
C PHE C 27 6.06 -37.78 -14.42
N THR C 28 7.31 -37.56 -14.82
CA THR C 28 8.34 -37.04 -13.91
C THR C 28 8.12 -35.54 -13.77
N PHE C 29 7.37 -35.16 -12.73
CA PHE C 29 6.94 -33.78 -12.57
C PHE C 29 8.09 -32.81 -12.73
N ASP C 30 9.20 -33.05 -12.02
CA ASP C 30 10.26 -32.06 -11.89
C ASP C 30 11.22 -32.05 -13.07
N ASP C 31 10.86 -32.64 -14.20
CA ASP C 31 11.61 -32.48 -15.44
C ASP C 31 10.99 -31.45 -16.37
N TYR C 32 9.84 -30.88 -15.99
CA TYR C 32 9.02 -30.09 -16.91
C TYR C 32 8.62 -28.77 -16.29
N ALA C 33 8.53 -27.75 -17.14
CA ALA C 33 7.87 -26.51 -16.75
C ALA C 33 6.37 -26.74 -16.63
N MET C 34 5.74 -26.02 -15.72
CA MET C 34 4.30 -26.07 -15.51
C MET C 34 3.70 -24.70 -15.78
N HIS C 35 2.47 -24.69 -16.29
CA HIS C 35 1.86 -23.44 -16.73
C HIS C 35 0.41 -23.34 -16.28
N TRP C 36 0.00 -22.12 -15.96
CA TRP C 36 -1.41 -21.78 -15.77
C TRP C 36 -1.87 -20.96 -16.96
N VAL C 37 -2.98 -21.38 -17.56
CA VAL C 37 -3.57 -20.71 -18.72
C VAL C 37 -5.06 -20.58 -18.45
N ARG C 38 -5.59 -19.38 -18.65
CA ARG C 38 -7.00 -19.13 -18.34
C ARG C 38 -7.75 -18.73 -19.60
N GLN C 39 -9.07 -18.96 -19.56
CA GLN C 39 -9.95 -18.72 -20.70
C GLN C 39 -11.29 -18.18 -20.21
N ALA C 40 -11.52 -16.89 -20.43
CA ALA C 40 -12.81 -16.31 -20.09
C ALA C 40 -13.88 -16.86 -21.03
N PRO C 41 -15.12 -16.98 -20.54
CA PRO C 41 -16.18 -17.58 -21.37
C PRO C 41 -16.24 -16.96 -22.76
N GLY C 42 -16.13 -17.80 -23.78
CA GLY C 42 -16.22 -17.32 -25.14
C GLY C 42 -15.11 -16.41 -25.58
N LYS C 43 -13.94 -16.50 -24.95
CA LYS C 43 -12.78 -15.74 -25.37
C LYS C 43 -11.61 -16.67 -25.63
N GLY C 44 -10.41 -16.10 -25.81
CA GLY C 44 -9.25 -16.90 -26.15
C GLY C 44 -8.39 -17.28 -24.96
N LEU C 45 -7.46 -18.19 -25.22
CA LEU C 45 -6.53 -18.63 -24.19
C LEU C 45 -5.57 -17.50 -23.81
N GLU C 46 -5.37 -17.30 -22.51
CA GLU C 46 -4.44 -16.30 -22.01
C GLU C 46 -3.51 -16.95 -21.00
N TRP C 47 -2.23 -16.96 -21.32
CA TRP C 47 -1.23 -17.48 -20.39
C TRP C 47 -1.19 -16.61 -19.14
N VAL C 48 -1.24 -17.26 -17.98
CA VAL C 48 -1.24 -16.53 -16.72
C VAL C 48 0.18 -16.45 -16.18
N SER C 49 0.81 -17.62 -16.01
CA SER C 49 2.15 -17.71 -15.46
C SER C 49 2.68 -19.11 -15.75
N GLY C 50 3.94 -19.31 -15.41
CA GLY C 50 4.60 -20.58 -15.62
C GLY C 50 5.91 -20.63 -14.89
N ILE C 51 6.34 -21.85 -14.57
CA ILE C 51 7.47 -22.07 -13.66
C ILE C 51 8.30 -23.24 -14.18
N THR C 52 9.62 -23.07 -14.14
CA THR C 52 10.52 -24.03 -14.76
C THR C 52 10.68 -25.27 -13.88
N TRP C 53 11.42 -26.25 -14.41
CA TRP C 53 11.60 -27.50 -13.70
C TRP C 53 12.26 -27.31 -12.34
N ASN C 54 13.14 -26.30 -12.22
CA ASN C 54 13.79 -25.99 -10.95
C ASN C 54 13.09 -24.88 -10.19
N SER C 55 11.77 -24.78 -10.35
CA SER C 55 10.94 -23.84 -9.58
C SER C 55 11.26 -22.38 -9.90
N GLY C 56 11.65 -22.10 -11.13
CA GLY C 56 11.94 -20.75 -11.56
C GLY C 56 10.76 -20.12 -12.26
N THR C 57 10.18 -19.09 -11.63
CA THR C 57 9.07 -18.36 -12.23
C THR C 57 9.49 -17.78 -13.57
N ILE C 58 8.68 -18.03 -14.60
CA ILE C 58 8.99 -17.52 -15.93
C ILE C 58 8.52 -16.08 -16.07
N GLY C 59 7.28 -15.80 -15.68
CA GLY C 59 6.75 -14.46 -15.75
C GLY C 59 5.28 -14.45 -15.39
N TYR C 60 4.60 -13.37 -15.79
CA TYR C 60 3.19 -13.19 -15.51
C TYR C 60 2.57 -12.39 -16.65
N ALA C 61 1.33 -12.73 -17.01
CA ALA C 61 0.55 -11.85 -17.87
C ALA C 61 0.49 -10.48 -17.22
N ASP C 62 0.75 -9.44 -18.02
CA ASP C 62 0.82 -8.09 -17.45
C ASP C 62 -0.48 -7.69 -16.76
N SER C 63 -1.59 -8.37 -17.06
CA SER C 63 -2.85 -8.04 -16.40
C SER C 63 -2.94 -8.60 -14.98
N VAL C 64 -2.07 -9.53 -14.60
CA VAL C 64 -2.09 -10.11 -13.26
C VAL C 64 -0.78 -9.87 -12.50
N LYS C 65 0.20 -9.23 -13.11
CA LYS C 65 1.50 -9.08 -12.46
C LYS C 65 1.34 -8.33 -11.15
N GLY C 66 1.99 -8.84 -10.10
CA GLY C 66 1.87 -8.27 -8.77
C GLY C 66 0.73 -8.83 -7.94
N ARG C 67 -0.31 -9.36 -8.58
CA ARG C 67 -1.46 -9.88 -7.86
C ARG C 67 -1.50 -11.39 -7.77
N PHE C 68 -0.89 -12.09 -8.73
CA PHE C 68 -0.84 -13.55 -8.73
C PHE C 68 0.57 -14.00 -8.40
N ILE C 69 0.67 -15.23 -7.90
CA ILE C 69 1.96 -15.80 -7.49
C ILE C 69 1.96 -17.28 -7.79
N ILE C 70 2.82 -17.70 -8.68
CA ILE C 70 2.96 -19.10 -9.05
C ILE C 70 3.94 -19.76 -8.10
N SER C 71 3.75 -21.06 -7.86
CA SER C 71 4.66 -21.85 -7.05
C SER C 71 4.39 -23.31 -7.34
N ARG C 72 5.44 -24.12 -7.23
CA ARG C 72 5.33 -25.55 -7.46
C ARG C 72 5.95 -26.27 -6.27
N ASP C 73 5.55 -27.54 -6.10
CA ASP C 73 6.00 -28.39 -5.01
C ASP C 73 6.38 -29.72 -5.61
N ASN C 74 7.67 -29.93 -5.86
CA ASN C 74 8.11 -31.10 -6.60
C ASN C 74 8.07 -32.38 -5.79
N ALA C 75 7.85 -32.30 -4.48
CA ALA C 75 7.70 -33.52 -3.69
C ALA C 75 6.27 -34.05 -3.76
N LYS C 76 5.28 -33.16 -3.84
CA LYS C 76 3.89 -33.55 -3.95
C LYS C 76 3.38 -33.47 -5.39
N ASN C 77 4.25 -33.24 -6.36
CA ASN C 77 3.87 -33.18 -7.77
C ASN C 77 2.72 -32.21 -7.98
N SER C 78 2.87 -31.01 -7.44
CA SER C 78 1.78 -30.06 -7.34
C SER C 78 2.18 -28.71 -7.89
N LEU C 79 1.20 -28.04 -8.50
CA LEU C 79 1.33 -26.69 -9.02
C LEU C 79 0.28 -25.80 -8.36
N HIS C 80 0.66 -24.55 -8.08
CA HIS C 80 -0.18 -23.67 -7.30
C HIS C 80 -0.20 -22.26 -7.90
N LEU C 81 -1.29 -21.55 -7.62
CA LEU C 81 -1.45 -20.16 -8.06
C LEU C 81 -2.21 -19.40 -6.98
N GLN C 82 -1.51 -18.57 -6.23
CA GLN C 82 -2.16 -17.66 -5.29
C GLN C 82 -2.69 -16.46 -6.07
N MET C 83 -3.99 -16.20 -5.94
CA MET C 83 -4.64 -15.09 -6.65
C MET C 83 -5.14 -14.09 -5.61
N ASN C 84 -4.54 -12.90 -5.62
CA ASN C 84 -4.87 -11.85 -4.66
C ASN C 84 -5.54 -10.68 -5.36
N SER C 85 -6.32 -9.91 -4.59
CA SER C 85 -7.04 -8.74 -5.11
C SER C 85 -7.76 -9.07 -6.41
N LEU C 86 -8.58 -10.12 -6.35
CA LEU C 86 -9.25 -10.59 -7.56
C LEU C 86 -10.15 -9.51 -8.14
N ARG C 87 -10.11 -9.36 -9.46
CA ARG C 87 -10.95 -8.41 -10.16
C ARG C 87 -12.01 -9.19 -10.96
N VAL C 88 -13.08 -8.48 -11.33
CA VAL C 88 -14.16 -9.12 -12.05
C VAL C 88 -13.65 -9.74 -13.34
N GLU C 89 -12.79 -9.03 -14.07
CA GLU C 89 -12.25 -9.57 -15.31
C GLU C 89 -11.22 -10.69 -15.07
N ASP C 90 -10.99 -11.12 -13.83
CA ASP C 90 -10.24 -12.35 -13.58
C ASP C 90 -11.14 -13.58 -13.70
N THR C 91 -12.42 -13.40 -14.00
CA THR C 91 -13.34 -14.52 -14.14
C THR C 91 -12.96 -15.34 -15.36
N ALA C 92 -12.68 -16.62 -15.16
CA ALA C 92 -12.29 -17.47 -16.27
C ALA C 92 -12.20 -18.91 -15.81
N LEU C 93 -12.09 -19.82 -16.77
CA LEU C 93 -11.69 -21.19 -16.52
C LEU C 93 -10.17 -21.26 -16.55
N TYR C 94 -9.57 -21.81 -15.50
CA TYR C 94 -8.12 -21.80 -15.35
C TYR C 94 -7.58 -23.20 -15.60
N TYR C 95 -6.75 -23.35 -16.62
CA TYR C 95 -6.15 -24.62 -16.97
C TYR C 95 -4.77 -24.77 -16.33
N CYS C 96 -4.49 -25.96 -15.80
CA CYS C 96 -3.15 -26.44 -15.56
C CYS C 96 -2.64 -27.06 -16.86
N ALA C 97 -1.32 -26.98 -17.08
CA ALA C 97 -0.80 -27.53 -18.34
C ALA C 97 0.67 -27.87 -18.22
N LYS C 98 1.01 -29.08 -18.67
CA LYS C 98 2.39 -29.57 -18.68
C LYS C 98 3.10 -29.14 -19.95
N ASP C 99 4.36 -28.75 -19.80
CA ASP C 99 5.18 -28.36 -20.94
C ASP C 99 5.58 -29.58 -21.76
N ASN C 100 5.67 -29.38 -23.07
CA ASN C 100 5.91 -30.48 -23.98
C ASN C 100 7.29 -31.08 -23.80
N SER C 101 8.28 -30.26 -23.46
CA SER C 101 9.68 -30.65 -23.54
C SER C 101 10.25 -30.93 -22.16
N ASP C 102 11.06 -31.99 -22.08
CA ASP C 102 11.84 -32.29 -20.88
C ASP C 102 13.23 -31.69 -20.94
N TYR C 103 13.55 -30.92 -21.98
CA TYR C 103 14.86 -30.30 -22.08
C TYR C 103 15.08 -29.33 -20.94
N SER C 104 16.25 -29.42 -20.30
CA SER C 104 16.51 -28.62 -19.11
C SER C 104 16.49 -27.14 -19.42
N GLY C 105 17.10 -26.74 -20.53
CA GLY C 105 17.27 -25.33 -20.84
C GLY C 105 18.46 -24.73 -20.15
N TYR C 106 19.16 -23.83 -20.83
CA TYR C 106 20.30 -23.12 -20.26
C TYR C 106 20.18 -21.63 -20.57
N TYR C 107 20.88 -20.81 -19.78
CA TYR C 107 20.63 -19.38 -19.81
C TYR C 107 21.01 -18.74 -21.14
N TRP C 108 21.97 -19.31 -21.85
CA TRP C 108 22.35 -18.76 -23.15
C TRP C 108 21.46 -19.25 -24.28
N GLU C 109 20.44 -20.05 -23.98
CA GLU C 109 19.52 -20.56 -24.99
C GLU C 109 18.20 -19.81 -24.93
N LEU C 110 17.51 -19.76 -26.06
CA LEU C 110 16.17 -19.21 -26.08
C LEU C 110 15.20 -20.22 -25.48
N GLU C 111 14.40 -19.78 -24.51
CA GLU C 111 13.40 -20.66 -23.93
C GLU C 111 12.41 -21.10 -25.00
N ASN C 112 11.84 -22.29 -24.79
CA ASN C 112 10.82 -22.83 -25.68
C ASN C 112 9.75 -23.51 -24.83
N TYR C 113 8.60 -22.86 -24.71
CA TYR C 113 7.49 -23.38 -23.91
C TYR C 113 6.32 -23.72 -24.82
N GLY C 114 5.82 -24.94 -24.66
CA GLY C 114 4.57 -25.35 -25.29
C GLY C 114 3.97 -26.45 -24.44
N MET C 115 2.65 -26.51 -24.41
CA MET C 115 1.95 -27.38 -23.47
C MET C 115 1.30 -28.53 -24.21
N ASP C 116 1.83 -29.75 -24.00
CA ASP C 116 1.32 -30.93 -24.71
C ASP C 116 0.17 -31.60 -23.99
N VAL C 117 0.01 -31.40 -22.68
CA VAL C 117 -1.11 -31.99 -21.95
C VAL C 117 -1.77 -30.91 -21.12
N TRP C 118 -3.08 -30.89 -21.15
CA TRP C 118 -3.87 -29.86 -20.48
C TRP C 118 -4.76 -30.53 -19.47
N GLY C 119 -5.08 -29.88 -18.36
CA GLY C 119 -6.14 -30.43 -17.51
C GLY C 119 -7.51 -29.93 -17.97
N GLN C 120 -8.57 -30.13 -17.22
CA GLN C 120 -9.87 -29.59 -17.65
C GLN C 120 -10.19 -28.16 -17.14
N GLY C 121 -9.49 -27.45 -16.20
CA GLY C 121 -9.94 -26.16 -15.82
C GLY C 121 -10.73 -26.28 -14.56
N THR C 122 -10.44 -25.39 -13.66
CA THR C 122 -11.24 -25.10 -12.51
C THR C 122 -11.80 -23.74 -12.79
N THR C 123 -13.11 -23.60 -12.62
CA THR C 123 -13.79 -22.37 -12.93
C THR C 123 -13.60 -21.39 -11.79
N VAL C 124 -13.24 -20.16 -12.12
CA VAL C 124 -13.14 -19.08 -11.16
C VAL C 124 -14.04 -17.93 -11.61
N THR C 125 -14.92 -17.50 -10.72
CA THR C 125 -15.89 -16.45 -10.99
C THR C 125 -15.73 -15.36 -9.95
N VAL C 126 -15.54 -14.13 -10.41
CA VAL C 126 -15.39 -12.97 -9.53
C VAL C 126 -16.59 -12.08 -9.74
N SER C 127 -17.44 -11.96 -8.73
CA SER C 127 -18.69 -11.24 -8.91
C SER C 127 -19.17 -10.62 -7.61
N SER C 128 -19.66 -9.38 -7.72
CA SER C 128 -20.31 -8.69 -6.61
C SER C 128 -21.77 -9.10 -6.41
N ALA C 129 -22.33 -9.91 -7.30
CA ALA C 129 -23.77 -9.95 -7.47
C ALA C 129 -24.45 -10.96 -6.56
N SER C 130 -25.43 -10.48 -5.79
CA SER C 130 -26.38 -11.33 -5.09
C SER C 130 -27.60 -11.57 -5.97
N THR C 131 -28.46 -12.47 -5.52
CA THR C 131 -29.68 -12.77 -6.27
C THR C 131 -30.53 -11.51 -6.40
N LYS C 132 -30.91 -11.19 -7.64
CA LYS C 132 -31.72 -10.02 -7.93
C LYS C 132 -32.75 -10.38 -8.98
N GLY C 133 -33.97 -9.88 -8.79
CA GLY C 133 -35.04 -10.14 -9.73
C GLY C 133 -34.91 -9.29 -10.98
N PRO C 134 -35.47 -9.78 -12.09
CA PRO C 134 -35.46 -8.97 -13.32
C PRO C 134 -36.56 -7.92 -13.31
N SER C 135 -36.29 -6.85 -14.07
CA SER C 135 -37.28 -5.84 -14.40
C SER C 135 -37.43 -5.85 -15.92
N VAL C 136 -38.61 -6.29 -16.39
CA VAL C 136 -38.84 -6.61 -17.79
C VAL C 136 -39.57 -5.45 -18.47
N PHE C 137 -39.42 -5.38 -19.80
CA PHE C 137 -40.04 -4.34 -20.60
C PHE C 137 -40.42 -4.88 -21.97
N PRO C 138 -41.11 -4.08 -22.81
CA PRO C 138 -41.63 -4.56 -24.10
C PRO C 138 -40.72 -5.52 -24.83
N LEU C 139 -41.30 -6.64 -25.27
CA LEU C 139 -40.46 -7.80 -25.47
C LEU C 139 -40.60 -8.49 -26.82
N ALA C 140 -41.79 -8.70 -27.32
CA ALA C 140 -41.78 -9.66 -28.42
C ALA C 140 -41.65 -9.12 -29.84
N PRO C 141 -42.59 -8.33 -30.37
CA PRO C 141 -42.45 -8.18 -31.83
C PRO C 141 -41.15 -7.60 -32.34
N LEU C 156 -37.99 -7.20 -23.03
CA LEU C 156 -36.63 -7.14 -22.49
C LEU C 156 -36.65 -7.50 -21.02
N VAL C 157 -35.94 -8.57 -20.64
CA VAL C 157 -35.79 -8.99 -19.26
C VAL C 157 -34.37 -8.62 -18.83
N LYS C 158 -34.24 -7.67 -17.91
CA LYS C 158 -32.98 -6.98 -17.69
C LYS C 158 -32.53 -7.03 -16.24
N ASP C 159 -31.21 -7.21 -16.06
CA ASP C 159 -30.50 -7.04 -14.79
C ASP C 159 -31.05 -7.97 -13.71
N TYR C 160 -30.82 -9.27 -13.93
CA TYR C 160 -31.16 -10.31 -12.97
C TYR C 160 -29.94 -11.17 -12.68
N PHE C 161 -30.02 -11.90 -11.57
CA PHE C 161 -28.98 -12.84 -11.16
C PHE C 161 -29.57 -13.78 -10.11
N PRO C 162 -29.21 -15.07 -10.10
CA PRO C 162 -28.37 -15.78 -11.07
C PRO C 162 -29.19 -16.25 -12.26
N GLU C 163 -28.56 -16.95 -13.22
CA GLU C 163 -29.29 -17.56 -14.33
C GLU C 163 -29.77 -18.95 -13.92
N PRO C 164 -30.81 -19.50 -14.58
CA PRO C 164 -31.48 -19.06 -15.81
C PRO C 164 -32.74 -18.22 -15.60
N VAL C 165 -33.37 -17.81 -16.72
CA VAL C 165 -34.68 -17.18 -16.68
C VAL C 165 -35.55 -17.83 -17.75
N THR C 166 -36.87 -17.91 -17.54
CA THR C 166 -37.81 -18.57 -18.47
C THR C 166 -38.66 -17.55 -19.21
N VAL C 167 -38.96 -17.81 -20.48
CA VAL C 167 -39.86 -16.91 -21.25
C VAL C 167 -40.81 -17.75 -22.12
N SER C 168 -42.12 -17.65 -21.86
CA SER C 168 -43.19 -18.36 -22.59
C SER C 168 -44.40 -17.43 -22.76
N HIS C 179 -38.24 -16.89 -30.16
CA HIS C 179 -36.79 -17.07 -30.05
C HIS C 179 -36.21 -16.21 -28.93
N THR C 180 -35.75 -16.88 -27.87
CA THR C 180 -35.18 -16.23 -26.70
C THR C 180 -33.66 -16.34 -26.77
N PHE C 181 -32.99 -15.18 -26.79
CA PHE C 181 -31.55 -15.15 -26.98
C PHE C 181 -30.81 -15.45 -25.68
N PRO C 182 -29.60 -16.00 -25.76
CA PRO C 182 -28.74 -16.05 -24.58
C PRO C 182 -28.43 -14.65 -24.07
N ALA C 183 -28.07 -14.57 -22.79
CA ALA C 183 -27.98 -13.29 -22.12
C ALA C 183 -26.56 -12.71 -22.20
N VAL C 184 -26.47 -11.42 -21.91
CA VAL C 184 -25.19 -10.75 -21.69
C VAL C 184 -24.91 -10.76 -20.19
N LEU C 185 -23.65 -10.91 -19.82
CA LEU C 185 -23.19 -10.59 -18.47
C LEU C 185 -22.69 -9.15 -18.52
N GLN C 186 -23.37 -8.25 -17.82
CA GLN C 186 -23.11 -6.82 -17.98
C GLN C 186 -22.00 -6.36 -17.02
N SER C 187 -21.79 -5.04 -16.94
CA SER C 187 -20.82 -4.49 -16.01
C SER C 187 -21.18 -4.83 -14.58
N SER C 188 -22.48 -4.77 -14.26
CA SER C 188 -22.96 -5.03 -12.90
C SER C 188 -22.73 -6.47 -12.46
N GLY C 189 -22.25 -7.33 -13.35
CA GLY C 189 -22.25 -8.74 -13.04
C GLY C 189 -23.62 -9.39 -13.08
N LEU C 190 -24.63 -8.66 -13.54
CA LEU C 190 -25.99 -9.19 -13.66
C LEU C 190 -26.31 -9.44 -15.13
N TYR C 191 -27.20 -10.40 -15.37
CA TYR C 191 -27.52 -10.85 -16.70
C TYR C 191 -28.68 -10.07 -17.30
N SER C 192 -28.82 -10.18 -18.62
CA SER C 192 -29.93 -9.58 -19.34
C SER C 192 -30.10 -10.32 -20.66
N LEU C 193 -31.34 -10.65 -21.01
CA LEU C 193 -31.63 -11.28 -22.29
C LEU C 193 -32.98 -10.79 -22.80
N SER C 194 -33.28 -11.16 -24.04
CA SER C 194 -34.51 -10.75 -24.70
C SER C 194 -35.10 -11.93 -25.48
N SER C 195 -36.42 -12.07 -25.41
CA SER C 195 -37.17 -12.97 -26.28
C SER C 195 -37.91 -12.14 -27.31
N VAL C 196 -38.23 -12.77 -28.44
CA VAL C 196 -38.85 -12.07 -29.55
C VAL C 196 -39.79 -13.01 -30.28
N VAL C 197 -41.02 -12.58 -30.52
CA VAL C 197 -41.98 -13.26 -31.36
C VAL C 197 -42.15 -12.47 -32.65
N THR C 198 -42.03 -13.14 -33.79
CA THR C 198 -42.34 -12.53 -35.09
C THR C 198 -43.71 -13.03 -35.51
N VAL C 199 -44.67 -12.10 -35.62
CA VAL C 199 -46.07 -12.48 -35.79
C VAL C 199 -46.63 -11.74 -37.01
N PRO C 200 -47.73 -12.23 -37.57
CA PRO C 200 -48.45 -11.44 -38.57
C PRO C 200 -48.84 -10.08 -37.99
N SER C 201 -48.70 -9.04 -38.82
CA SER C 201 -48.80 -7.67 -38.35
C SER C 201 -50.24 -7.16 -38.27
N SER C 202 -51.22 -8.06 -38.23
CA SER C 202 -52.61 -7.66 -38.11
C SER C 202 -53.27 -8.38 -36.93
N LEU D 1 36.38 7.54 27.93
CA LEU D 1 36.12 8.91 28.34
C LEU D 1 34.65 9.07 28.69
N CYS D 2 34.36 9.54 29.91
CA CYS D 2 32.97 9.69 30.32
C CYS D 2 32.28 10.73 29.44
N PRO D 3 30.98 10.60 29.24
CA PRO D 3 30.23 11.48 28.32
C PRO D 3 29.83 12.81 28.94
N PHE D 4 30.78 13.49 29.60
CA PHE D 4 30.47 14.78 30.21
C PHE D 4 30.18 15.83 29.14
N ASP D 5 30.88 15.77 28.01
CA ASP D 5 30.63 16.74 26.93
C ASP D 5 29.18 16.69 26.48
N GLU D 6 28.62 15.48 26.36
CA GLU D 6 27.23 15.33 25.97
C GLU D 6 26.29 15.92 27.01
N VAL D 7 26.59 15.70 28.29
CA VAL D 7 25.69 16.15 29.34
C VAL D 7 25.69 17.68 29.43
N PHE D 8 26.87 18.28 29.46
CA PHE D 8 27.00 19.70 29.77
C PHE D 8 26.70 20.60 28.57
N ASN D 9 26.86 20.04 27.39
CA ASN D 9 26.72 20.77 26.12
C ASN D 9 25.49 20.29 25.33
N ALA D 10 24.50 19.56 25.88
CA ALA D 10 23.26 19.19 25.22
C ALA D 10 22.57 20.42 24.66
N THR D 11 21.95 20.27 23.50
CA THR D 11 21.24 21.40 22.89
C THR D 11 20.12 21.89 23.79
N ARG D 12 19.44 20.99 24.49
CA ARG D 12 18.33 21.33 25.37
C ARG D 12 18.44 20.57 26.68
N PHE D 13 18.01 21.23 27.75
CA PHE D 13 18.02 20.68 29.09
C PHE D 13 16.61 20.35 29.53
N ALA D 14 16.53 19.57 30.60
CA ALA D 14 15.24 19.15 31.14
C ALA D 14 14.62 20.25 31.98
N SER D 15 13.30 20.20 32.10
CA SER D 15 12.62 20.99 33.12
C SER D 15 12.97 20.43 34.49
N VAL D 16 12.91 21.29 35.50
CA VAL D 16 13.42 20.90 36.82
C VAL D 16 12.53 19.83 37.44
N TYR D 17 11.21 19.92 37.23
CA TYR D 17 10.34 18.89 37.79
C TYR D 17 10.65 17.51 37.20
N ALA D 18 11.06 17.47 35.92
CA ALA D 18 11.35 16.23 35.22
C ALA D 18 12.85 16.16 34.93
N TRP D 19 13.66 16.41 35.95
CA TRP D 19 15.11 16.45 35.77
C TRP D 19 15.64 15.13 35.21
N ASN D 20 16.58 15.23 34.29
CA ASN D 20 17.24 14.06 33.73
C ASN D 20 18.34 13.57 34.67
N ARG D 21 18.63 12.27 34.56
CA ARG D 21 19.74 11.66 35.29
C ARG D 21 20.50 10.77 34.33
N LYS D 22 21.80 11.03 34.19
CA LYS D 22 22.67 10.25 33.31
C LYS D 22 23.62 9.45 34.19
N ARG D 23 23.50 8.12 34.14
CA ARG D 23 24.47 7.26 34.79
C ARG D 23 25.81 7.35 34.08
N ILE D 24 26.88 7.56 34.83
CA ILE D 24 28.24 7.58 34.33
C ILE D 24 28.95 6.35 34.87
N SER D 25 29.51 5.54 33.98
CA SER D 25 30.05 4.25 34.39
C SER D 25 31.13 3.79 33.42
N ASN D 26 32.08 3.04 33.96
CA ASN D 26 33.12 2.36 33.18
C ASN D 26 33.79 3.33 32.21
N CYS D 27 34.34 4.41 32.76
CA CYS D 27 34.90 5.45 31.91
C CYS D 27 35.97 6.22 32.66
N VAL D 28 36.84 6.86 31.88
CA VAL D 28 37.81 7.80 32.41
C VAL D 28 37.16 9.18 32.44
N ALA D 29 37.19 9.82 33.61
CA ALA D 29 36.51 11.08 33.82
C ALA D 29 37.55 12.20 33.83
N ASP D 30 37.63 12.93 32.70
CA ASP D 30 38.53 14.08 32.59
C ASP D 30 37.79 15.29 33.14
N TYR D 31 37.87 15.43 34.47
CA TYR D 31 37.17 16.53 35.13
C TYR D 31 37.73 17.89 34.75
N SER D 32 38.93 17.94 34.16
CA SER D 32 39.53 19.23 33.83
C SER D 32 38.74 20.00 32.80
N VAL D 33 37.88 19.32 32.01
CA VAL D 33 37.19 20.02 30.94
C VAL D 33 35.83 20.57 31.36
N LEU D 34 35.43 20.39 32.61
CA LEU D 34 34.11 20.85 33.07
C LEU D 34 34.18 22.34 33.35
N TYR D 35 33.97 23.12 32.30
CA TYR D 35 34.05 24.58 32.36
C TYR D 35 33.46 25.12 31.07
N ASN D 36 33.06 26.37 31.08
CA ASN D 36 32.59 27.05 29.88
C ASN D 36 32.72 28.55 30.09
N LEU D 37 32.26 29.32 29.11
CA LEU D 37 32.41 30.77 29.12
C LEU D 37 31.08 31.48 29.35
N ALA D 38 30.12 30.81 30.00
CA ALA D 38 28.82 31.39 30.28
C ALA D 38 28.93 32.40 31.41
N PRO D 39 28.09 33.43 31.41
CA PRO D 39 28.32 34.57 32.31
C PRO D 39 28.57 34.22 33.78
N PHE D 40 27.72 33.43 34.40
CA PHE D 40 27.80 33.29 35.85
C PHE D 40 28.08 31.85 36.25
N PHE D 41 29.11 31.27 35.65
CA PHE D 41 29.52 29.90 35.95
C PHE D 41 29.87 29.76 37.43
N THR D 42 29.24 28.80 38.08
CA THR D 42 29.56 28.44 39.45
C THR D 42 29.88 26.95 39.53
N PHE D 43 30.70 26.60 40.51
CA PHE D 43 31.17 25.22 40.68
C PHE D 43 31.30 25.00 42.18
N LYS D 44 30.28 24.40 42.78
CA LYS D 44 30.20 24.27 44.24
C LYS D 44 30.16 22.80 44.63
N CYS D 45 31.10 22.38 45.48
CA CYS D 45 31.16 21.00 45.95
C CYS D 45 30.98 20.92 47.46
N TYR D 46 30.42 19.80 47.92
CA TYR D 46 30.17 19.54 49.32
C TYR D 46 30.78 18.19 49.68
N GLY D 47 31.54 18.14 50.77
CA GLY D 47 32.10 16.89 51.24
C GLY D 47 33.21 16.32 50.41
N VAL D 48 33.63 17.00 49.34
CA VAL D 48 34.69 16.52 48.46
C VAL D 48 35.35 17.72 47.81
N SER D 49 36.64 17.59 47.54
CA SER D 49 37.40 18.67 46.92
C SER D 49 37.44 18.48 45.41
N PRO D 50 36.96 19.45 44.62
CA PRO D 50 37.03 19.27 43.16
C PRO D 50 38.45 19.14 42.64
N THR D 51 39.44 19.68 43.35
CA THR D 51 40.82 19.54 42.93
C THR D 51 41.39 18.15 43.15
N LYS D 52 40.63 17.23 43.74
CA LYS D 52 41.06 15.86 43.95
C LYS D 52 40.41 14.86 43.00
N LEU D 53 39.32 15.24 42.33
CA LEU D 53 38.55 14.30 41.52
C LEU D 53 39.44 13.56 40.55
N ASN D 54 40.43 14.24 39.98
CA ASN D 54 41.27 13.62 38.95
C ASN D 54 42.11 12.46 39.49
N ASP D 55 42.21 12.30 40.81
CA ASP D 55 42.91 11.16 41.39
C ASP D 55 42.00 10.28 42.24
N LEU D 56 40.69 10.39 42.05
CA LEU D 56 39.73 9.61 42.82
C LEU D 56 38.97 8.65 41.90
N CYS D 57 38.57 7.52 42.48
CA CYS D 57 37.80 6.47 41.81
C CYS D 57 36.49 6.28 42.55
N PHE D 58 35.42 6.03 41.79
CA PHE D 58 34.11 5.81 42.39
C PHE D 58 33.42 4.61 41.76
N THR D 59 32.40 4.12 42.48
CA THR D 59 31.59 3.03 41.94
C THR D 59 30.85 3.48 40.70
N ASN D 60 30.16 4.62 40.79
CA ASN D 60 29.38 5.19 39.70
C ASN D 60 29.30 6.68 39.93
N VAL D 61 28.94 7.41 38.88
CA VAL D 61 28.74 8.84 38.95
C VAL D 61 27.43 9.18 38.23
N TYR D 62 26.60 9.98 38.87
CA TYR D 62 25.32 10.41 38.31
C TYR D 62 25.40 11.88 37.97
N ALA D 63 24.92 12.23 36.78
CA ALA D 63 24.85 13.62 36.31
C ALA D 63 23.39 13.97 36.14
N ASP D 64 22.88 14.88 36.97
CA ASP D 64 21.50 15.30 36.93
C ASP D 64 21.41 16.66 36.25
N SER D 65 20.63 16.75 35.18
CA SER D 65 20.57 17.95 34.33
C SER D 65 19.18 18.56 34.40
N PHE D 66 19.13 19.89 34.42
CA PHE D 66 17.87 20.63 34.45
C PHE D 66 18.13 22.13 34.47
N VAL D 67 17.04 22.89 34.36
CA VAL D 67 17.09 24.34 34.31
C VAL D 67 16.21 24.97 35.38
N ILE D 68 16.67 26.10 35.93
CA ILE D 68 15.93 26.88 36.90
C ILE D 68 16.23 28.37 36.76
N ARG D 69 15.58 29.20 37.56
CA ARG D 69 15.92 30.61 37.66
C ARG D 69 17.18 30.81 38.49
N GLY D 70 17.90 31.88 38.20
CA GLY D 70 19.05 32.22 39.02
C GLY D 70 18.70 32.31 40.49
N ASP D 71 17.56 32.93 40.79
CA ASP D 71 17.02 33.01 42.14
C ASP D 71 17.17 31.69 42.89
N GLU D 72 16.95 30.59 42.19
CA GLU D 72 16.76 29.29 42.81
C GLU D 72 18.03 28.46 42.80
N VAL D 73 19.11 28.96 42.21
CA VAL D 73 20.35 28.19 42.20
C VAL D 73 20.83 27.92 43.62
N ARG D 74 20.53 28.82 44.55
CA ARG D 74 20.89 28.60 45.95
C ARG D 74 20.22 27.35 46.52
N GLN D 75 19.09 26.92 45.94
CA GLN D 75 18.29 25.85 46.53
C GLN D 75 18.82 24.46 46.24
N ILE D 76 19.65 24.30 45.20
CA ILE D 76 20.23 23.00 44.87
C ILE D 76 21.51 22.90 45.69
N ALA D 77 21.35 22.52 46.95
CA ALA D 77 22.42 22.37 47.91
C ALA D 77 21.84 21.59 49.10
N PRO D 78 22.69 20.91 49.87
CA PRO D 78 22.17 20.24 51.06
C PRO D 78 21.50 21.22 52.01
N GLY D 79 20.40 20.77 52.62
CA GLY D 79 19.76 21.51 53.69
C GLY D 79 18.95 22.70 53.25
N GLN D 80 18.50 22.74 52.00
CA GLN D 80 17.81 23.91 51.48
C GLN D 80 16.30 23.69 51.49
N THR D 81 15.58 24.79 51.59
CA THR D 81 14.13 24.82 51.50
C THR D 81 13.74 25.69 50.32
N GLY D 82 12.48 25.59 49.92
CA GLY D 82 11.96 26.36 48.82
C GLY D 82 11.24 25.49 47.81
N ASN D 83 10.64 26.16 46.84
CA ASN D 83 9.81 25.46 45.87
C ASN D 83 10.58 24.34 45.18
N ILE D 84 11.78 24.64 44.70
CA ILE D 84 12.56 23.64 43.96
C ILE D 84 12.99 22.51 44.88
N ALA D 85 13.66 22.85 45.98
CA ALA D 85 14.10 21.82 46.91
C ALA D 85 12.93 20.99 47.42
N ASP D 86 11.79 21.63 47.67
CA ASP D 86 10.68 20.90 48.27
C ASP D 86 9.94 20.03 47.26
N TYR D 87 9.79 20.50 46.02
CA TYR D 87 8.84 19.93 45.09
C TYR D 87 9.43 19.45 43.77
N ASN D 88 10.68 19.80 43.44
CA ASN D 88 11.24 19.44 42.15
C ASN D 88 12.53 18.63 42.25
N TYR D 89 13.50 19.09 43.03
CA TYR D 89 14.78 18.42 43.09
C TYR D 89 15.35 18.64 44.49
N LYS D 90 15.55 17.56 45.23
CA LYS D 90 16.00 17.62 46.60
C LYS D 90 17.33 16.90 46.74
N LEU D 91 18.25 17.51 47.41
CA LEU D 91 19.50 16.85 47.72
C LEU D 91 19.52 16.37 49.17
N PRO D 92 20.21 15.28 49.47
CA PRO D 92 20.25 14.80 50.85
C PRO D 92 21.00 15.76 51.75
N ASP D 93 20.69 15.70 53.05
CA ASP D 93 21.39 16.54 54.01
C ASP D 93 22.89 16.23 54.03
N ASP D 94 23.25 14.96 53.83
CA ASP D 94 24.64 14.52 53.81
C ASP D 94 25.18 14.41 52.38
N PHE D 95 24.67 15.24 51.47
CA PHE D 95 25.12 15.16 50.09
C PHE D 95 26.62 15.31 49.99
N THR D 96 27.23 14.46 49.17
CA THR D 96 28.65 14.55 48.83
C THR D 96 28.76 14.56 47.31
N GLY D 97 29.04 15.73 46.76
CA GLY D 97 29.14 15.88 45.30
C GLY D 97 29.28 17.35 44.94
N CYS D 98 29.04 17.64 43.66
CA CYS D 98 29.25 18.99 43.14
C CYS D 98 28.03 19.47 42.35
N VAL D 99 27.76 20.77 42.45
CA VAL D 99 26.68 21.42 41.72
C VAL D 99 27.31 22.48 40.81
N ILE D 100 27.13 22.30 39.50
CA ILE D 100 27.71 23.17 38.49
C ILE D 100 26.56 23.89 37.79
N ALA D 101 26.66 25.21 37.67
CA ALA D 101 25.58 25.99 37.12
C ALA D 101 26.15 27.17 36.33
N TRP D 102 25.33 27.68 35.42
CA TRP D 102 25.72 28.83 34.61
C TRP D 102 24.49 29.42 33.94
N ASN D 103 24.59 30.71 33.63
CA ASN D 103 23.50 31.43 32.98
C ASN D 103 23.38 30.99 31.53
N SER D 104 22.14 30.75 31.10
CA SER D 104 21.86 30.28 29.76
C SER D 104 20.80 31.15 29.09
N ASN D 105 20.78 32.44 29.42
CA ASN D 105 19.83 33.37 28.81
C ASN D 105 19.91 33.33 27.29
N LYS D 106 21.07 32.97 26.74
CA LYS D 106 21.28 33.03 25.31
C LYS D 106 20.67 31.86 24.55
N LEU D 107 20.15 30.85 25.23
CA LEU D 107 19.55 29.75 24.49
C LEU D 107 18.16 29.40 25.00
N ASP D 108 17.88 29.69 26.26
CA ASP D 108 16.67 29.21 26.92
C ASP D 108 15.67 30.32 27.19
N SER D 109 15.70 31.41 26.40
CA SER D 109 14.84 32.55 26.66
C SER D 109 14.08 33.02 25.42
N LYS D 110 13.91 32.15 24.44
CA LYS D 110 13.19 32.49 23.22
C LYS D 110 11.70 32.22 23.39
N VAL D 111 10.89 33.03 22.69
CA VAL D 111 9.44 32.91 22.78
C VAL D 111 9.01 31.50 22.42
N SER D 112 9.58 30.96 21.34
CA SER D 112 9.20 29.62 20.90
C SER D 112 9.34 28.60 22.01
N GLY D 113 10.27 28.82 22.94
CA GLY D 113 10.51 27.87 24.00
C GLY D 113 9.81 28.22 25.29
N ASN D 114 8.81 29.09 25.20
CA ASN D 114 8.16 29.59 26.41
C ASN D 114 7.62 28.47 27.29
N TYR D 115 7.39 27.28 26.74
CA TYR D 115 6.86 26.16 27.52
C TYR D 115 7.81 24.97 27.60
N ASN D 116 9.08 25.16 27.25
CA ASN D 116 10.02 24.04 27.32
C ASN D 116 10.54 23.80 28.72
N TYR D 117 10.48 24.80 29.61
CA TYR D 117 10.98 24.66 30.98
C TYR D 117 9.86 24.99 31.97
N LEU D 118 9.45 23.96 32.73
CA LEU D 118 8.39 24.08 33.72
C LEU D 118 8.94 23.68 35.09
N TYR D 119 8.18 24.01 36.12
CA TYR D 119 8.50 23.60 37.49
C TYR D 119 7.21 23.19 38.19
N ARG D 120 7.34 22.29 39.17
CA ARG D 120 6.19 21.86 39.95
C ARG D 120 5.87 22.92 41.00
N LEU D 121 4.59 23.25 41.13
CA LEU D 121 4.13 24.35 41.97
C LEU D 121 3.56 23.88 43.30
N PHE D 122 2.79 22.80 43.30
CA PHE D 122 2.22 22.21 44.50
C PHE D 122 2.70 20.77 44.65
N ARG D 123 2.53 20.24 45.86
CA ARG D 123 2.71 18.82 46.11
C ARG D 123 2.26 18.52 47.53
N LYS D 124 1.64 17.34 47.71
CA LYS D 124 1.06 17.01 49.01
C LYS D 124 2.14 16.73 50.06
N SER D 125 3.32 16.30 49.62
CA SER D 125 4.46 16.08 50.50
C SER D 125 5.72 16.56 49.79
N ASN D 126 6.77 16.80 50.57
CA ASN D 126 8.04 17.19 49.99
C ASN D 126 8.74 15.97 49.41
N LEU D 127 9.57 16.22 48.40
CA LEU D 127 10.27 15.13 47.75
C LEU D 127 11.33 14.54 48.66
N LYS D 128 11.42 13.22 48.68
CA LYS D 128 12.57 12.55 49.23
C LYS D 128 13.82 12.92 48.42
N PRO D 129 15.00 12.84 49.02
CA PRO D 129 16.23 13.14 48.26
C PRO D 129 16.28 12.32 46.98
N PHE D 130 16.55 12.99 45.86
CA PHE D 130 16.73 12.35 44.56
C PHE D 130 15.46 11.71 44.03
N GLU D 131 14.31 12.10 44.59
CA GLU D 131 13.03 11.67 44.06
C GLU D 131 12.62 12.57 42.90
N ARG D 132 11.91 12.00 41.93
CA ARG D 132 11.38 12.73 40.80
C ARG D 132 9.88 12.48 40.71
N ASP D 133 9.12 13.56 40.50
CA ASP D 133 7.67 13.50 40.37
C ASP D 133 7.31 14.16 39.05
N ILE D 134 6.83 13.37 38.09
CA ILE D 134 6.47 13.89 36.77
C ILE D 134 4.99 13.72 36.48
N SER D 135 4.19 13.33 37.48
CA SER D 135 2.76 13.26 37.28
C SER D 135 2.19 14.65 36.94
N THR D 136 1.03 14.64 36.30
CA THR D 136 0.35 15.87 35.88
C THR D 136 -1.13 15.78 36.21
N GLU D 137 -1.43 15.40 37.45
CA GLU D 137 -2.80 15.27 37.91
C GLU D 137 -3.25 16.57 38.58
N ILE D 138 -4.54 16.88 38.42
CA ILE D 138 -5.06 18.13 38.95
C ILE D 138 -5.05 18.08 40.48
N TYR D 139 -4.48 19.12 41.08
CA TYR D 139 -4.23 19.21 42.52
C TYR D 139 -5.51 19.64 43.21
N GLN D 140 -6.22 18.67 43.79
CA GLN D 140 -7.48 18.93 44.50
C GLN D 140 -7.19 19.52 45.88
N ALA D 141 -7.00 20.83 45.94
CA ALA D 141 -6.79 21.48 47.23
C ALA D 141 -8.07 21.59 48.03
N GLY D 142 -9.23 21.38 47.41
CA GLY D 142 -10.50 21.52 48.08
C GLY D 142 -11.42 20.34 47.82
N ASN D 143 -12.57 20.36 48.50
CA ASN D 143 -13.56 19.30 48.35
C ASN D 143 -13.84 19.03 46.88
N LYS D 144 -13.75 20.06 46.04
CA LYS D 144 -14.12 19.96 44.63
C LYS D 144 -13.46 18.75 43.97
N PRO D 145 -14.24 17.82 43.43
CA PRO D 145 -13.68 16.84 42.50
C PRO D 145 -13.60 17.42 41.08
N CYS D 146 -12.46 17.22 40.42
CA CYS D 146 -12.05 18.06 39.30
C CYS D 146 -12.31 17.47 37.92
N ASN D 147 -12.36 16.15 37.80
CA ASN D 147 -12.71 15.52 36.52
C ASN D 147 -11.82 16.03 35.38
N GLY D 148 -10.54 16.23 35.68
CA GLY D 148 -9.58 16.61 34.66
C GLY D 148 -9.75 18.00 34.10
N VAL D 149 -10.35 18.91 34.87
CA VAL D 149 -10.46 20.31 34.47
C VAL D 149 -9.93 21.17 35.60
N ALA D 150 -9.08 22.13 35.27
CA ALA D 150 -8.56 23.08 36.24
C ALA D 150 -9.58 24.18 36.50
N GLY D 151 -9.56 24.70 37.71
CA GLY D 151 -10.49 25.75 38.11
C GLY D 151 -10.38 26.07 39.58
N PHE D 152 -11.46 26.53 40.18
CA PHE D 152 -11.43 26.85 41.60
C PHE D 152 -11.18 25.58 42.42
N ASN D 153 -10.15 25.62 43.27
CA ASN D 153 -9.75 24.46 44.08
C ASN D 153 -9.49 23.23 43.21
N CYS D 154 -9.06 23.45 41.97
CA CYS D 154 -8.63 22.39 41.06
C CYS D 154 -7.47 22.98 40.27
N TYR D 155 -6.25 22.80 40.76
CA TYR D 155 -5.09 23.46 40.17
C TYR D 155 -4.18 22.45 39.48
N PHE D 156 -3.78 22.77 38.27
CA PHE D 156 -2.72 22.02 37.61
C PHE D 156 -1.40 22.29 38.33
N PRO D 157 -0.57 21.27 38.55
CA PRO D 157 0.56 21.43 39.46
C PRO D 157 1.81 22.02 38.82
N LEU D 158 1.88 22.02 37.51
CA LEU D 158 3.05 22.52 36.80
C LEU D 158 2.78 23.92 36.28
N ARG D 159 3.82 24.72 36.21
CA ARG D 159 3.77 26.15 35.82
C ARG D 159 4.98 26.43 34.97
N SER D 160 4.89 27.41 34.09
CA SER D 160 5.97 27.72 33.16
C SER D 160 6.85 28.85 33.69
N TYR D 161 8.16 28.71 33.46
CA TYR D 161 9.08 29.79 33.78
C TYR D 161 8.91 30.97 32.82
N SER D 162 8.55 30.68 31.57
CA SER D 162 8.37 31.69 30.54
C SER D 162 9.53 32.68 30.52
N PHE D 163 10.72 32.13 30.32
CA PHE D 163 11.92 32.95 30.36
C PHE D 163 11.91 33.97 29.23
N ARG D 164 12.39 35.18 29.53
CA ARG D 164 12.50 36.27 28.57
C ARG D 164 13.86 36.92 28.72
N PRO D 165 14.50 37.32 27.61
CA PRO D 165 15.87 37.85 27.72
C PRO D 165 15.98 39.13 28.51
N THR D 166 14.88 39.87 28.67
CA THR D 166 14.91 41.15 29.36
C THR D 166 14.71 41.02 30.87
N TYR D 167 14.35 39.85 31.37
CA TYR D 167 14.24 39.68 32.82
C TYR D 167 15.59 39.94 33.47
N GLY D 168 15.55 40.29 34.75
CA GLY D 168 16.77 40.42 35.52
C GLY D 168 17.44 39.07 35.71
N VAL D 169 18.72 39.13 36.10
CA VAL D 169 19.55 37.93 36.17
C VAL D 169 18.85 36.83 36.98
N GLY D 170 18.40 37.17 38.20
CA GLY D 170 17.75 36.18 39.04
C GLY D 170 16.56 35.50 38.40
N HIS D 171 15.95 36.14 37.41
CA HIS D 171 14.79 35.59 36.73
C HIS D 171 15.15 34.91 35.41
N GLN D 172 16.44 34.92 35.04
CA GLN D 172 16.89 34.29 33.80
C GLN D 172 17.19 32.82 34.02
N PRO D 173 17.22 32.02 32.95
CA PRO D 173 17.45 30.59 33.13
C PRO D 173 18.93 30.27 33.34
N TYR D 174 19.16 29.33 34.25
CA TYR D 174 20.48 28.76 34.50
C TYR D 174 20.43 27.26 34.26
N ARG D 175 21.46 26.73 33.60
CA ARG D 175 21.57 25.31 33.37
C ARG D 175 22.41 24.69 34.48
N VAL D 176 21.92 23.61 35.08
CA VAL D 176 22.52 23.02 36.27
C VAL D 176 22.87 21.58 35.98
N VAL D 177 24.03 21.15 36.46
CA VAL D 177 24.45 19.76 36.42
C VAL D 177 24.93 19.39 37.81
N VAL D 178 24.26 18.43 38.44
CA VAL D 178 24.64 17.92 39.75
C VAL D 178 25.39 16.61 39.53
N LEU D 179 26.61 16.52 40.04
CA LEU D 179 27.38 15.30 39.98
C LEU D 179 27.31 14.63 41.35
N SER D 180 26.80 13.40 41.38
CA SER D 180 26.78 12.59 42.58
C SER D 180 27.84 11.50 42.46
N PHE D 181 28.70 11.40 43.47
CA PHE D 181 29.76 10.39 43.48
C PHE D 181 29.37 9.24 44.39
N GLU D 182 29.18 8.07 43.81
CA GLU D 182 28.74 6.88 44.51
C GLU D 182 29.97 6.06 44.87
N LEU D 183 30.23 5.91 46.16
CA LEU D 183 31.39 5.16 46.66
C LEU D 183 30.86 4.02 47.51
N LEU D 184 30.74 2.85 46.90
CA LEU D 184 30.28 1.65 47.59
C LEU D 184 31.40 0.61 47.57
N HIS D 185 31.17 -0.47 48.32
CA HIS D 185 32.18 -1.52 48.52
C HIS D 185 32.21 -2.43 47.30
N ALA D 186 32.70 -1.87 46.19
CA ALA D 186 32.72 -2.58 44.92
C ALA D 186 33.85 -2.04 44.06
N PRO D 187 34.20 -2.73 42.98
CA PRO D 187 35.28 -2.25 42.12
C PRO D 187 34.87 -0.97 41.40
N ALA D 188 35.73 0.05 41.51
CA ALA D 188 35.44 1.33 40.86
C ALA D 188 35.38 1.16 39.36
N THR D 189 34.45 1.86 38.72
CA THR D 189 34.34 1.87 37.27
C THR D 189 34.68 3.22 36.65
N VAL D 190 34.63 4.31 37.42
CA VAL D 190 34.84 5.65 36.91
C VAL D 190 35.96 6.29 37.72
N CYS D 191 37.07 6.62 37.05
CA CYS D 191 38.25 7.18 37.69
C CYS D 191 38.72 8.42 36.92
N GLY D 192 39.42 9.29 37.65
CA GLY D 192 40.07 10.43 37.05
C GLY D 192 41.25 10.01 36.19
N PRO D 193 41.77 10.94 35.39
CA PRO D 193 42.82 10.56 34.42
C PRO D 193 44.07 10.01 35.07
N LYS D 194 44.43 10.47 36.26
CA LYS D 194 45.70 10.08 36.87
C LYS D 194 45.61 8.70 37.51
N LYS D 195 44.48 8.37 38.12
CA LYS D 195 44.34 7.10 38.83
C LYS D 195 43.90 5.97 37.91
N GLN E 1 -2.15 26.44 8.05
CA GLN E 1 -1.43 25.76 6.94
C GLN E 1 -0.09 25.19 7.42
N SER E 2 0.51 24.39 6.55
CA SER E 2 1.78 23.73 6.89
C SER E 2 2.89 24.71 6.60
N VAL E 3 4.03 24.52 7.25
CA VAL E 3 5.21 25.40 7.07
C VAL E 3 5.91 24.98 5.79
N LEU E 4 5.96 23.71 5.48
CA LEU E 4 6.59 23.28 4.23
C LEU E 4 5.50 23.06 3.18
N THR E 5 5.76 23.51 1.97
CA THR E 5 4.77 23.48 0.90
C THR E 5 5.11 22.37 -0.09
N GLN E 6 4.15 21.49 -0.34
CA GLN E 6 4.26 20.32 -1.21
C GLN E 6 3.16 20.43 -2.25
N PRO E 7 3.28 19.85 -3.46
CA PRO E 7 2.16 19.85 -4.35
C PRO E 7 1.13 18.88 -3.80
N PRO E 8 -0.18 19.14 -3.79
CA PRO E 8 -1.13 18.17 -3.28
C PRO E 8 -1.22 16.84 -4.02
N SER E 9 -0.88 16.83 -5.30
CA SER E 9 -1.03 15.64 -6.13
C SER E 9 0.05 15.57 -7.21
N VAL E 10 0.68 14.43 -7.44
CA VAL E 10 1.50 14.18 -8.62
C VAL E 10 0.94 12.94 -9.30
N SER E 11 1.22 12.76 -10.56
CA SER E 11 0.76 11.56 -11.25
C SER E 11 1.88 11.17 -12.18
N GLY E 12 1.84 9.94 -12.71
CA GLY E 12 2.80 9.36 -13.62
C GLY E 12 2.37 8.02 -14.17
N ALA E 13 2.78 7.73 -15.40
CA ALA E 13 2.56 6.41 -15.97
C ALA E 13 3.62 5.44 -15.42
N PRO E 14 3.27 4.16 -15.30
CA PRO E 14 4.24 3.19 -14.77
C PRO E 14 5.55 3.24 -15.53
N GLY E 15 6.66 3.24 -14.79
CA GLY E 15 7.99 3.24 -15.38
C GLY E 15 8.56 4.61 -15.66
N GLN E 16 7.75 5.66 -15.57
CA GLN E 16 8.25 7.01 -15.74
C GLN E 16 8.88 7.51 -14.44
N ARG E 17 9.42 8.72 -14.48
CA ARG E 17 9.99 9.38 -13.32
C ARG E 17 9.09 10.53 -12.90
N VAL E 18 8.82 10.64 -11.61
CA VAL E 18 8.06 11.74 -11.05
C VAL E 18 8.88 12.37 -9.92
N THR E 19 8.75 13.67 -9.76
CA THR E 19 9.38 14.40 -8.68
C THR E 19 8.31 15.02 -7.79
N ILE E 20 8.66 15.28 -6.54
CA ILE E 20 7.79 15.98 -5.60
C ILE E 20 8.58 17.10 -4.95
N SER E 21 8.03 18.30 -4.97
CA SER E 21 8.72 19.47 -4.44
C SER E 21 8.36 19.68 -2.98
N CYS E 22 9.23 20.42 -2.29
CA CYS E 22 9.05 20.74 -0.87
C CYS E 22 9.82 22.04 -0.64
N THR E 23 9.08 23.13 -0.51
CA THR E 23 9.68 24.46 -0.33
C THR E 23 9.46 24.93 1.10
N GLY E 24 10.51 25.49 1.68
CA GLY E 24 10.42 26.06 3.01
C GLY E 24 10.85 27.50 2.98
N SER E 25 11.56 27.94 4.00
CA SER E 25 11.96 29.34 4.13
C SER E 25 13.32 29.42 4.81
N SER E 26 13.77 30.66 5.01
CA SER E 26 15.08 30.88 5.63
C SER E 26 15.12 30.38 7.07
N SER E 27 13.97 30.10 7.67
CA SER E 27 13.94 29.64 9.04
C SER E 27 14.06 28.12 9.17
N ASN E 28 13.71 27.34 8.15
CA ASN E 28 13.80 25.89 8.27
C ASN E 28 14.75 25.25 7.27
N ILE E 29 14.44 25.24 5.99
CA ILE E 29 15.33 24.57 5.05
C ILE E 29 16.48 25.50 4.69
N GLY E 30 16.18 26.77 4.42
CA GLY E 30 17.20 27.74 4.14
C GLY E 30 18.11 28.00 5.32
N ALA E 31 17.68 27.63 6.51
CA ALA E 31 18.50 27.77 7.71
C ALA E 31 19.58 26.70 7.81
N GLY E 32 19.48 25.63 7.03
CA GLY E 32 20.46 24.58 7.03
C GLY E 32 20.02 23.28 7.67
N TYR E 33 18.74 23.11 7.97
CA TYR E 33 18.25 21.88 8.56
C TYR E 33 17.99 20.85 7.48
N ASP E 34 18.29 19.59 7.80
CA ASP E 34 18.09 18.53 6.83
C ASP E 34 16.61 18.28 6.59
N VAL E 35 16.33 17.60 5.48
CA VAL E 35 14.97 17.26 5.09
C VAL E 35 14.86 15.74 5.07
N HIS E 36 13.79 15.21 5.66
CA HIS E 36 13.48 13.80 5.66
C HIS E 36 12.15 13.59 4.95
N TRP E 37 12.03 12.45 4.26
CA TRP E 37 10.85 12.12 3.49
C TRP E 37 10.20 10.87 4.05
N TYR E 38 8.87 10.85 4.08
CA TYR E 38 8.12 9.71 4.58
C TYR E 38 7.09 9.27 3.54
N GLN E 39 6.78 7.98 3.58
CA GLN E 39 5.76 7.37 2.75
C GLN E 39 4.62 6.88 3.65
N GLN E 40 3.39 7.03 3.19
CA GLN E 40 2.23 6.56 3.95
C GLN E 40 1.21 5.97 2.97
N LEU E 41 1.01 4.65 3.06
CA LEU E 41 -0.05 3.94 2.37
C LEU E 41 -1.34 4.05 3.17
N PRO E 42 -2.48 3.89 2.52
CA PRO E 42 -3.76 4.08 3.23
C PRO E 42 -3.86 3.22 4.48
N GLY E 43 -4.28 3.85 5.58
CA GLY E 43 -4.44 3.16 6.85
C GLY E 43 -3.15 2.73 7.53
N THR E 44 -2.00 2.97 6.92
CA THR E 44 -0.72 2.56 7.46
C THR E 44 0.00 3.73 8.09
N ALA E 45 0.76 3.45 9.15
CA ALA E 45 1.60 4.47 9.75
C ALA E 45 2.69 4.90 8.75
N PRO E 46 3.19 6.12 8.85
CA PRO E 46 4.25 6.56 7.92
C PRO E 46 5.47 5.66 8.01
N LYS E 47 6.30 5.72 6.97
CA LYS E 47 7.54 4.97 6.92
C LYS E 47 8.64 5.87 6.41
N LEU E 48 9.78 5.86 7.09
CA LEU E 48 10.90 6.70 6.67
C LEU E 48 11.45 6.23 5.34
N LEU E 49 11.35 7.09 4.32
CA LEU E 49 11.83 6.78 2.98
C LEU E 49 13.21 7.37 2.69
N ILE E 50 13.44 8.61 3.09
CA ILE E 50 14.71 9.31 2.89
C ILE E 50 15.04 10.08 4.14
N TYR E 51 16.31 10.10 4.52
CA TYR E 51 16.75 10.86 5.69
C TYR E 51 18.06 11.56 5.38
N ASP E 52 18.33 12.62 6.12
CA ASP E 52 19.50 13.47 5.88
C ASP E 52 19.61 13.84 4.41
N ASN E 53 18.45 14.14 3.84
CA ASN E 53 18.21 14.76 2.54
C ASN E 53 18.45 13.87 1.33
N ASN E 54 19.23 12.80 1.48
CA ASN E 54 19.41 11.89 0.35
C ASN E 54 19.69 10.44 0.73
N ASN E 55 19.69 10.09 2.01
CA ASN E 55 20.06 8.75 2.43
C ASN E 55 18.84 7.85 2.46
N ARG E 56 19.08 6.55 2.34
CA ARG E 56 18.00 5.57 2.22
C ARG E 56 18.13 4.54 3.33
N PRO E 57 17.09 4.32 4.13
CA PRO E 57 17.12 3.20 5.07
C PRO E 57 17.30 1.88 4.34
N SER E 58 17.59 0.84 5.11
CA SER E 58 17.63 -0.51 4.55
C SER E 58 16.23 -0.91 4.13
N GLY E 59 16.02 -1.15 2.85
CA GLY E 59 14.75 -1.62 2.35
C GLY E 59 14.02 -0.67 1.43
N VAL E 60 14.57 0.49 1.14
CA VAL E 60 14.02 1.40 0.14
C VAL E 60 14.96 1.39 -1.05
N PRO E 61 14.49 1.02 -2.25
CA PRO E 61 15.41 0.87 -3.38
C PRO E 61 15.95 2.21 -3.88
N ASP E 62 17.08 2.12 -4.59
CA ASP E 62 17.75 3.31 -5.12
C ASP E 62 16.83 4.14 -6.01
N ARG E 63 15.76 3.56 -6.53
CA ARG E 63 14.89 4.31 -7.44
C ARG E 63 14.24 5.51 -6.76
N PHE E 64 14.29 5.59 -5.43
CA PHE E 64 13.91 6.79 -4.71
C PHE E 64 15.16 7.62 -4.43
N SER E 65 14.99 8.94 -4.47
CA SER E 65 16.10 9.86 -4.49
C SER E 65 15.66 11.15 -3.80
N GLY E 66 16.62 11.84 -3.20
CA GLY E 66 16.34 13.08 -2.50
C GLY E 66 17.42 14.10 -2.74
N SER E 67 17.01 15.37 -2.78
CA SER E 67 17.95 16.46 -3.00
C SER E 67 17.48 17.69 -2.23
N LYS E 68 18.41 18.59 -1.98
CA LYS E 68 18.12 19.82 -1.23
C LYS E 68 19.05 20.93 -1.69
N SER E 69 18.49 22.12 -1.91
CA SER E 69 19.27 23.30 -2.20
C SER E 69 18.47 24.52 -1.77
N GLY E 70 19.11 25.40 -1.01
CA GLY E 70 18.45 26.65 -0.64
C GLY E 70 17.26 26.38 0.25
N THR E 71 16.12 26.95 -0.11
CA THR E 71 14.88 26.78 0.64
C THR E 71 14.11 25.54 0.21
N SER E 72 14.68 24.72 -0.66
CA SER E 72 13.91 23.76 -1.44
C SER E 72 14.52 22.36 -1.37
N ALA E 73 13.65 21.36 -1.25
CA ALA E 73 14.03 19.96 -1.32
C ALA E 73 13.16 19.28 -2.38
N SER E 74 13.52 18.05 -2.72
CA SER E 74 12.71 17.32 -3.69
C SER E 74 12.95 15.82 -3.54
N LEU E 75 11.91 15.06 -3.85
CA LEU E 75 11.96 13.61 -3.88
C LEU E 75 11.70 13.13 -5.31
N ALA E 76 12.54 12.22 -5.80
CA ALA E 76 12.42 11.70 -7.15
C ALA E 76 12.29 10.19 -7.13
N ILE E 77 11.19 9.70 -7.70
CA ILE E 77 10.95 8.27 -7.89
C ILE E 77 11.12 8.00 -9.38
N THR E 78 12.07 7.13 -9.72
CA THR E 78 12.50 7.00 -11.11
C THR E 78 11.88 5.82 -11.84
N GLY E 79 11.49 4.77 -11.14
CA GLY E 79 11.00 3.57 -11.80
C GLY E 79 9.55 3.27 -11.46
N LEU E 80 8.70 4.29 -11.50
CA LEU E 80 7.39 4.25 -10.87
C LEU E 80 6.69 2.91 -11.06
N GLN E 81 6.29 2.32 -9.94
CA GLN E 81 5.54 1.07 -9.92
C GLN E 81 4.18 1.31 -9.31
N ALA E 82 3.31 0.31 -9.43
CA ALA E 82 1.98 0.40 -8.83
C ALA E 82 2.07 0.58 -7.33
N GLU E 83 3.00 -0.14 -6.68
CA GLU E 83 3.09 -0.11 -5.24
C GLU E 83 3.44 1.27 -4.69
N ASP E 84 3.91 2.18 -5.54
CA ASP E 84 4.33 3.52 -5.10
C ASP E 84 3.15 4.44 -4.81
N GLU E 85 1.92 4.01 -5.08
CA GLU E 85 0.74 4.87 -4.92
C GLU E 85 0.47 5.07 -3.44
N ALA E 86 0.95 6.19 -2.90
CA ALA E 86 0.81 6.48 -1.47
C ALA E 86 0.86 8.00 -1.29
N ASP E 87 0.87 8.42 -0.02
CA ASP E 87 1.09 9.81 0.34
C ASP E 87 2.54 10.02 0.71
N TYR E 88 3.09 11.18 0.35
CA TYR E 88 4.49 11.49 0.59
C TYR E 88 4.58 12.82 1.32
N TYR E 89 5.27 12.81 2.47
CA TYR E 89 5.45 13.99 3.29
C TYR E 89 6.93 14.29 3.40
N CYS E 90 7.27 15.57 3.25
CA CYS E 90 8.59 16.05 3.61
C CYS E 90 8.55 16.62 5.02
N GLN E 91 9.72 16.66 5.66
CA GLN E 91 9.80 17.06 7.06
C GLN E 91 11.16 17.69 7.30
N SER E 92 11.19 18.62 8.24
CA SER E 92 12.39 19.38 8.55
C SER E 92 12.20 19.99 9.94
N PHE E 93 13.04 20.95 10.28
CA PHE E 93 12.99 21.66 11.55
C PHE E 93 12.91 23.16 11.25
N ASP E 94 12.26 23.90 12.15
CA ASP E 94 12.15 25.35 12.00
C ASP E 94 12.65 26.04 13.25
N SER E 95 13.60 26.97 13.08
CA SER E 95 14.18 27.66 14.22
C SER E 95 13.18 28.57 14.91
N SER E 96 12.37 29.30 14.14
CA SER E 96 11.47 30.28 14.73
C SER E 96 10.43 29.61 15.60
N LEU E 97 9.89 28.48 15.15
CA LEU E 97 8.92 27.73 15.95
C LEU E 97 9.60 26.74 16.88
N SER E 98 10.89 26.52 16.74
CA SER E 98 11.64 25.52 17.49
C SER E 98 10.82 24.24 17.61
N GLY E 99 10.55 23.66 16.44
CA GLY E 99 9.85 22.39 16.38
C GLY E 99 10.04 21.76 15.01
N VAL E 100 9.72 20.47 14.95
CA VAL E 100 9.69 19.78 13.66
C VAL E 100 8.46 20.24 12.90
N VAL E 101 8.61 20.44 11.59
CA VAL E 101 7.52 20.86 10.73
C VAL E 101 7.40 19.87 9.58
N PHE E 102 6.15 19.56 9.21
CA PHE E 102 5.85 18.66 8.11
C PHE E 102 5.33 19.46 6.92
N GLY E 103 5.50 18.88 5.75
CA GLY E 103 4.79 19.37 4.58
C GLY E 103 3.37 18.86 4.57
N GLY E 104 2.59 19.41 3.65
CA GLY E 104 1.17 19.06 3.60
C GLY E 104 0.89 17.67 3.10
N GLY E 105 1.86 17.03 2.46
CA GLY E 105 1.64 15.73 1.88
C GLY E 105 1.33 15.79 0.41
N THR E 106 1.72 14.74 -0.30
CA THR E 106 1.49 14.64 -1.75
C THR E 106 0.86 13.28 -2.04
N ARG E 107 -0.36 13.29 -2.56
CA ARG E 107 -1.04 12.08 -3.00
C ARG E 107 -0.49 11.71 -4.36
N LEU E 108 0.21 10.57 -4.44
CA LEU E 108 0.78 10.11 -5.69
C LEU E 108 -0.16 9.10 -6.34
N THR E 109 -0.46 9.32 -7.62
CA THR E 109 -1.26 8.40 -8.41
C THR E 109 -0.42 7.87 -9.57
N VAL E 110 -0.43 6.56 -9.77
CA VAL E 110 0.18 5.92 -10.93
C VAL E 110 -0.94 5.67 -11.92
N LEU E 111 -0.90 6.35 -13.05
CA LEU E 111 -2.05 6.40 -13.95
C LEU E 111 -2.34 5.03 -14.53
N ARG E 112 -3.53 4.49 -14.26
CA ARG E 112 -4.07 3.28 -14.91
C ARG E 112 -5.07 3.69 -16.00
N GLN E 113 -5.78 4.78 -15.78
CA GLN E 113 -6.88 5.32 -16.61
C GLN E 113 -6.47 6.64 -17.25
N PRO E 114 -7.23 7.20 -18.22
CA PRO E 114 -6.94 8.53 -18.69
C PRO E 114 -7.49 9.53 -17.67
N LYS E 115 -6.99 10.74 -17.68
CA LYS E 115 -7.41 11.79 -16.75
C LYS E 115 -8.86 12.16 -17.06
N ALA E 116 -9.68 12.44 -16.05
CA ALA E 116 -11.09 12.82 -16.21
C ALA E 116 -11.35 14.07 -15.38
N ALA E 117 -11.90 15.13 -15.96
CA ALA E 117 -12.24 16.36 -15.22
C ALA E 117 -13.43 16.12 -14.28
N PRO E 118 -13.59 16.83 -13.16
CA PRO E 118 -14.74 16.64 -12.35
C PRO E 118 -16.09 17.23 -12.75
N SER E 119 -17.17 16.54 -12.41
CA SER E 119 -18.54 17.05 -12.53
C SER E 119 -18.82 17.66 -11.15
N VAL E 120 -19.30 18.87 -11.10
CA VAL E 120 -19.43 19.69 -9.91
C VAL E 120 -20.87 20.15 -9.86
N THR E 121 -21.67 19.81 -8.88
CA THR E 121 -23.03 20.36 -8.77
C THR E 121 -23.04 21.20 -7.49
N LEU E 122 -23.65 22.37 -7.51
CA LEU E 122 -23.71 23.27 -6.36
C LEU E 122 -25.18 23.52 -6.08
N PHE E 123 -25.61 23.50 -4.82
CA PHE E 123 -27.01 23.75 -4.41
C PHE E 123 -27.07 24.90 -3.43
N PRO E 124 -27.99 26.01 -3.57
CA PRO E 124 -28.39 27.36 -2.67
C PRO E 124 -29.02 26.71 -1.44
N PRO E 125 -28.96 27.33 -0.27
CA PRO E 125 -29.74 26.83 0.85
C PRO E 125 -31.25 26.70 0.54
N SER E 126 -31.90 25.71 1.15
CA SER E 126 -33.36 25.44 1.03
C SER E 126 -34.14 26.20 2.10
N SER E 127 -35.43 25.91 2.29
CA SER E 127 -36.27 26.38 3.42
C SER E 127 -35.45 26.44 4.71
N ALA E 132 -35.89 27.75 9.13
CA ALA E 132 -35.43 27.04 10.34
C ALA E 132 -34.08 27.56 10.80
N ASN E 133 -33.83 28.83 10.53
CA ASN E 133 -32.61 29.62 10.84
C ASN E 133 -31.29 28.83 10.72
N LYS E 134 -31.04 28.28 9.54
CA LYS E 134 -29.79 27.59 9.19
C LYS E 134 -29.49 27.89 7.72
N ALA E 135 -28.25 27.75 7.29
CA ALA E 135 -27.88 27.98 5.88
C ALA E 135 -26.74 27.01 5.52
N THR E 136 -26.81 26.34 4.38
CA THR E 136 -25.78 25.37 3.99
C THR E 136 -25.68 25.26 2.48
N LEU E 137 -24.55 25.60 1.87
CA LEU E 137 -24.28 25.37 0.46
C LEU E 137 -23.69 23.98 0.29
N VAL E 138 -24.20 23.22 -0.67
CA VAL E 138 -23.74 21.85 -0.92
C VAL E 138 -23.09 21.79 -2.30
N CYS E 139 -21.84 21.34 -2.35
CA CYS E 139 -21.07 21.27 -3.59
C CYS E 139 -20.60 19.84 -3.79
N LEU E 140 -21.24 19.12 -4.71
CA LEU E 140 -20.97 17.71 -4.94
C LEU E 140 -20.05 17.55 -6.16
N ILE E 141 -19.07 16.66 -6.03
CA ILE E 141 -17.99 16.52 -7.01
C ILE E 141 -17.81 15.04 -7.32
N SER E 142 -17.70 14.70 -8.60
CA SER E 142 -17.75 13.29 -8.96
C SER E 142 -16.96 12.95 -10.23
N ASP E 143 -16.57 11.69 -10.28
CA ASP E 143 -15.94 11.04 -11.42
C ASP E 143 -14.83 11.90 -12.01
N PHE E 144 -13.81 12.14 -11.18
CA PHE E 144 -12.55 12.73 -11.60
C PHE E 144 -11.44 11.74 -11.29
N TYR E 145 -10.48 11.63 -12.21
CA TYR E 145 -9.30 10.82 -12.05
C TYR E 145 -8.12 11.67 -12.52
N PRO E 146 -7.03 11.78 -11.75
CA PRO E 146 -6.75 11.16 -10.44
C PRO E 146 -7.67 11.66 -9.31
N GLY E 147 -7.55 11.05 -8.12
CA GLY E 147 -8.43 11.33 -7.01
C GLY E 147 -7.95 12.45 -6.09
N ALA E 148 -7.51 13.56 -6.68
CA ALA E 148 -7.06 14.73 -5.94
C ALA E 148 -7.88 15.93 -6.40
N VAL E 149 -8.32 16.73 -5.43
CA VAL E 149 -9.19 17.86 -5.69
C VAL E 149 -9.03 18.81 -4.51
N THR E 150 -8.84 20.10 -4.80
CA THR E 150 -8.84 21.14 -3.78
C THR E 150 -10.00 22.08 -4.06
N VAL E 151 -10.79 22.36 -3.02
CA VAL E 151 -12.00 23.15 -3.15
C VAL E 151 -11.81 24.47 -2.43
N ALA E 152 -12.11 25.56 -3.12
CA ALA E 152 -12.16 26.89 -2.52
C ALA E 152 -13.55 27.46 -2.78
N TRP E 153 -14.23 27.79 -1.70
CA TRP E 153 -15.44 28.55 -1.87
C TRP E 153 -15.09 29.98 -2.20
N LYS E 154 -16.02 30.77 -2.64
CA LYS E 154 -15.76 32.21 -2.80
C LYS E 154 -17.09 32.90 -2.52
N ALA E 155 -17.03 34.11 -2.02
CA ALA E 155 -18.17 35.04 -2.04
C ALA E 155 -17.73 36.23 -2.94
N ASP E 156 -16.63 35.98 -3.76
CA ASP E 156 -15.64 36.79 -4.45
C ASP E 156 -14.39 37.04 -3.62
N SER E 157 -14.52 36.95 -2.31
CA SER E 157 -13.44 36.81 -1.31
C SER E 157 -13.66 35.44 -0.68
N SER E 158 -12.60 34.83 -0.19
CA SER E 158 -12.57 33.43 0.29
C SER E 158 -13.13 33.29 1.68
N PRO E 159 -14.13 32.43 1.93
CA PRO E 159 -14.46 32.04 3.28
C PRO E 159 -13.16 31.30 3.61
N VAL E 160 -12.28 31.87 4.44
CA VAL E 160 -10.92 31.33 4.74
C VAL E 160 -11.16 30.07 5.59
N LYS E 161 -11.41 28.92 4.92
CA LYS E 161 -12.09 27.72 5.49
C LYS E 161 -13.28 28.39 6.19
N ALA E 162 -13.36 28.64 7.50
CA ALA E 162 -14.48 29.38 8.13
C ALA E 162 -15.85 28.87 7.64
N GLY E 163 -16.27 27.75 8.22
CA GLY E 163 -17.57 27.20 7.84
C GLY E 163 -17.42 26.27 6.68
N VAL E 164 -16.22 25.97 6.22
CA VAL E 164 -16.14 25.06 5.09
C VAL E 164 -15.73 23.69 5.61
N GLU E 165 -16.33 22.66 5.02
CA GLU E 165 -15.95 21.29 5.38
C GLU E 165 -16.06 20.39 4.16
N THR E 166 -14.93 19.82 3.77
CA THR E 166 -14.78 19.02 2.57
C THR E 166 -14.45 17.58 2.95
N THR E 167 -14.92 16.63 2.16
CA THR E 167 -14.62 15.24 2.48
C THR E 167 -13.34 14.78 1.79
N THR E 168 -12.88 13.60 2.18
CA THR E 168 -11.80 12.91 1.51
C THR E 168 -12.35 12.18 0.28
N PRO E 169 -11.56 12.07 -0.79
CA PRO E 169 -12.07 11.44 -2.01
C PRO E 169 -12.39 9.97 -1.80
N SER E 170 -13.39 9.44 -2.51
CA SER E 170 -13.76 8.00 -2.43
C SER E 170 -13.85 7.42 -3.84
N LYS E 171 -13.52 6.14 -4.00
CA LYS E 171 -13.52 5.47 -5.33
C LYS E 171 -14.97 5.08 -5.65
N GLN E 172 -15.41 5.27 -6.90
CA GLN E 172 -16.77 5.07 -7.47
C GLN E 172 -16.94 3.68 -8.05
N SER E 173 -18.12 3.31 -8.53
CA SER E 173 -18.27 2.01 -9.21
C SER E 173 -17.26 1.91 -10.37
N ASN E 174 -17.02 2.93 -11.21
CA ASN E 174 -16.09 2.84 -12.37
C ASN E 174 -14.64 3.25 -12.10
N ASN E 175 -14.11 3.13 -10.88
CA ASN E 175 -12.74 3.47 -10.42
C ASN E 175 -12.43 4.97 -10.49
N LYS E 176 -13.43 5.81 -10.59
CA LYS E 176 -13.20 7.28 -10.61
C LYS E 176 -13.56 7.81 -9.23
N TYR E 177 -13.29 9.06 -8.93
CA TYR E 177 -13.45 9.51 -7.53
C TYR E 177 -14.60 10.51 -7.37
N ALA E 178 -15.14 10.57 -6.16
CA ALA E 178 -16.14 11.53 -5.73
C ALA E 178 -15.67 12.26 -4.47
N ALA E 179 -16.32 13.39 -4.19
CA ALA E 179 -16.00 14.24 -3.06
C ALA E 179 -17.13 15.25 -2.90
N SER E 180 -17.30 15.76 -1.68
CA SER E 180 -18.34 16.73 -1.40
C SER E 180 -17.84 17.76 -0.40
N SER E 181 -18.32 18.99 -0.57
CA SER E 181 -17.91 20.12 0.25
C SER E 181 -19.15 20.90 0.65
N TYR E 182 -19.21 21.28 1.92
CA TYR E 182 -20.36 21.97 2.49
C TYR E 182 -19.89 23.22 3.19
N LEU E 183 -20.61 24.33 2.98
CA LEU E 183 -20.27 25.63 3.54
C LEU E 183 -21.46 26.09 4.39
N SER E 184 -21.37 25.88 5.70
CA SER E 184 -22.39 26.28 6.67
C SER E 184 -22.31 27.80 6.92
N LEU E 185 -23.25 28.57 6.41
CA LEU E 185 -23.37 30.02 6.67
C LEU E 185 -24.55 30.23 7.61
N THR E 186 -24.78 31.45 8.04
CA THR E 186 -25.96 31.84 8.82
C THR E 186 -26.93 32.53 7.85
N PRO E 187 -28.26 32.49 8.02
CA PRO E 187 -29.11 33.24 7.12
C PRO E 187 -28.84 34.73 6.94
N GLU E 188 -28.36 35.42 7.95
CA GLU E 188 -27.94 36.83 7.81
C GLU E 188 -26.87 36.88 6.72
N GLN E 189 -25.87 35.99 6.85
CA GLN E 189 -24.66 35.86 6.02
C GLN E 189 -24.95 35.58 4.54
N TRP E 190 -25.86 34.67 4.17
CA TRP E 190 -26.13 34.27 2.76
C TRP E 190 -26.82 35.36 1.94
N LYS E 191 -27.44 36.33 2.60
CA LYS E 191 -28.14 37.43 1.89
C LYS E 191 -27.14 38.58 1.65
N SER E 192 -26.18 38.80 2.53
CA SER E 192 -25.21 39.93 2.42
C SER E 192 -24.28 39.88 1.21
N HIS E 193 -24.14 38.75 0.53
CA HIS E 193 -23.27 38.59 -0.66
C HIS E 193 -24.12 38.44 -1.92
N LYS E 194 -23.69 38.97 -3.04
CA LYS E 194 -24.46 38.83 -4.27
C LYS E 194 -24.19 37.49 -4.88
N SER E 195 -23.20 36.70 -4.43
CA SER E 195 -22.82 35.47 -5.13
C SER E 195 -21.95 34.63 -4.22
N TYR E 196 -22.09 33.31 -4.36
CA TYR E 196 -21.24 32.34 -3.71
C TYR E 196 -20.76 31.36 -4.78
N SER E 197 -19.49 30.99 -4.72
CA SER E 197 -18.89 30.12 -5.73
C SER E 197 -18.19 28.95 -5.07
N CYS E 198 -18.28 27.79 -5.70
CA CYS E 198 -17.52 26.60 -5.34
C CYS E 198 -16.48 26.39 -6.43
N GLN E 199 -15.22 26.63 -6.10
CA GLN E 199 -14.12 26.41 -7.03
C GLN E 199 -13.52 25.04 -6.79
N VAL E 200 -13.36 24.27 -7.87
CA VAL E 200 -12.82 22.92 -7.78
C VAL E 200 -11.65 22.81 -8.75
N THR E 201 -10.47 22.47 -8.22
CA THR E 201 -9.24 22.40 -9.00
C THR E 201 -8.79 20.95 -9.12
N HIS E 202 -8.47 20.54 -10.35
CA HIS E 202 -8.10 19.15 -10.62
C HIS E 202 -7.09 19.14 -11.75
N GLU E 203 -5.96 18.47 -11.52
CA GLU E 203 -4.82 18.56 -12.42
C GLU E 203 -4.56 19.99 -12.84
N GLY E 204 -4.70 20.95 -11.91
CA GLY E 204 -4.36 22.32 -12.23
C GLY E 204 -5.34 23.07 -13.11
N SER E 205 -6.61 22.68 -13.13
CA SER E 205 -7.65 23.32 -13.94
C SER E 205 -8.89 23.44 -13.08
N THR E 206 -9.31 24.66 -12.78
CA THR E 206 -10.35 24.91 -11.80
C THR E 206 -11.67 25.22 -12.49
N VAL E 207 -12.76 24.99 -11.77
CA VAL E 207 -14.11 24.93 -12.33
C VAL E 207 -15.08 25.51 -11.32
N GLU E 208 -15.72 26.62 -11.67
CA GLU E 208 -16.69 27.30 -10.80
C GLU E 208 -18.10 26.79 -11.05
N LYS E 209 -19.04 27.14 -10.14
CA LYS E 209 -20.45 27.09 -10.52
C LYS E 209 -21.37 28.19 -9.98
N THR E 210 -21.00 28.95 -8.94
CA THR E 210 -21.61 30.27 -8.73
C THR E 210 -23.13 30.35 -8.56
N VAL E 211 -23.63 30.05 -7.36
CA VAL E 211 -25.03 30.27 -7.03
C VAL E 211 -25.21 31.59 -6.29
N ALA E 212 -26.41 32.18 -6.41
CA ALA E 212 -26.67 33.44 -5.72
C ALA E 212 -28.07 33.57 -5.13
N PRO E 213 -28.16 34.24 -3.98
CA PRO E 213 -29.45 34.37 -3.27
C PRO E 213 -30.53 34.96 -4.16
N THR E 214 -31.72 34.38 -4.10
CA THR E 214 -32.81 34.83 -4.95
C THR E 214 -34.14 34.23 -4.48
N GLU F 1 13.57 -6.32 17.25
CA GLU F 1 12.34 -5.61 16.83
C GLU F 1 12.01 -4.47 17.77
N VAL F 2 12.03 -3.26 17.23
CA VAL F 2 11.64 -2.07 17.99
C VAL F 2 10.13 -1.98 18.02
N GLN F 3 9.57 -1.67 19.19
CA GLN F 3 8.13 -1.46 19.31
C GLN F 3 7.79 -0.17 20.04
N LEU F 4 6.68 0.43 19.63
CA LEU F 4 6.13 1.61 20.29
C LEU F 4 4.64 1.39 20.45
N VAL F 5 4.19 1.23 21.69
CA VAL F 5 2.79 0.91 21.98
C VAL F 5 2.14 2.10 22.67
N GLU F 6 1.30 2.81 21.92
CA GLU F 6 0.61 3.97 22.46
C GLU F 6 -0.59 3.54 23.28
N SER F 7 -0.97 4.38 24.24
CA SER F 7 -2.06 4.09 25.14
C SER F 7 -2.62 5.39 25.65
N GLY F 8 -3.82 5.32 26.20
CA GLY F 8 -4.42 6.45 26.88
C GLY F 8 -5.35 7.27 26.04
N GLY F 9 -5.56 6.89 24.78
CA GLY F 9 -6.49 7.59 23.93
C GLY F 9 -7.92 7.29 24.32
N GLY F 10 -8.83 7.69 23.44
CA GLY F 10 -10.24 7.41 23.64
C GLY F 10 -11.16 8.58 23.38
N LEU F 11 -12.45 8.38 23.61
CA LEU F 11 -13.41 9.46 23.45
C LEU F 11 -13.37 10.35 24.68
N VAL F 12 -13.14 11.64 24.46
CA VAL F 12 -13.11 12.63 25.53
C VAL F 12 -13.90 13.83 25.06
N GLN F 13 -14.30 14.64 26.01
CA GLN F 13 -15.11 15.82 25.79
C GLN F 13 -14.25 17.05 25.55
N PRO F 14 -14.82 18.07 24.90
CA PRO F 14 -14.12 19.34 24.81
C PRO F 14 -13.87 19.94 26.19
N GLY F 15 -12.75 20.63 26.31
CA GLY F 15 -12.39 21.29 27.55
C GLY F 15 -11.83 20.38 28.62
N ARG F 16 -11.74 19.08 28.36
CA ARG F 16 -11.20 18.12 29.32
C ARG F 16 -9.78 17.72 28.91
N SER F 17 -9.26 16.70 29.61
CA SER F 17 -7.87 16.32 29.43
C SER F 17 -7.72 14.81 29.34
N LEU F 18 -6.59 14.40 28.75
CA LEU F 18 -6.18 13.01 28.66
C LEU F 18 -4.66 12.96 28.77
N ARG F 19 -4.14 11.80 29.14
CA ARG F 19 -2.70 11.58 29.22
C ARG F 19 -2.34 10.39 28.36
N LEU F 20 -1.63 10.63 27.26
CA LEU F 20 -1.16 9.56 26.41
C LEU F 20 0.19 9.05 26.90
N SER F 21 0.44 7.76 26.64
CA SER F 21 1.71 7.13 26.99
C SER F 21 2.15 6.22 25.86
N CYS F 22 3.44 5.94 25.84
CA CYS F 22 4.06 5.11 24.81
C CYS F 22 5.12 4.25 25.47
N ALA F 23 4.97 2.92 25.39
CA ALA F 23 5.95 1.99 25.93
C ALA F 23 6.93 1.62 24.82
N ALA F 24 8.18 2.03 24.98
CA ALA F 24 9.22 1.78 23.99
C ALA F 24 9.94 0.48 24.31
N SER F 25 10.37 -0.21 23.25
CA SER F 25 10.92 -1.54 23.39
C SER F 25 11.87 -1.82 22.23
N GLY F 26 12.96 -2.52 22.52
CA GLY F 26 13.84 -3.01 21.49
C GLY F 26 14.99 -2.11 21.09
N PHE F 27 15.39 -1.18 21.95
CA PHE F 27 16.49 -0.28 21.63
C PHE F 27 16.81 0.51 22.89
N THR F 28 18.02 1.07 22.91
CA THR F 28 18.47 1.88 24.04
C THR F 28 17.64 3.16 24.03
N PHE F 29 16.60 3.18 24.88
CA PHE F 29 15.63 4.27 24.86
C PHE F 29 16.30 5.63 25.06
N ASP F 30 17.18 5.73 26.05
CA ASP F 30 17.72 7.01 26.47
C ASP F 30 18.85 7.50 25.58
N ASP F 31 19.06 6.89 24.42
CA ASP F 31 20.00 7.40 23.45
C ASP F 31 19.33 8.16 22.33
N TYR F 32 18.01 8.30 22.36
CA TYR F 32 17.25 8.83 21.24
C TYR F 32 16.21 9.85 21.70
N ALA F 33 15.98 10.84 20.83
CA ALA F 33 14.82 11.69 20.98
C ALA F 33 13.54 10.94 20.64
N MET F 34 12.46 11.29 21.31
CA MET F 34 11.15 10.72 21.06
C MET F 34 10.18 11.84 20.70
N HIS F 35 9.20 11.52 19.84
CA HIS F 35 8.30 12.53 19.32
C HIS F 35 6.85 12.05 19.36
N TRP F 36 5.93 13.01 19.50
CA TRP F 36 4.50 12.79 19.30
C TRP F 36 4.11 13.47 17.99
N VAL F 37 3.54 12.69 17.07
CA VAL F 37 3.05 13.17 15.79
C VAL F 37 1.61 12.71 15.66
N ARG F 38 0.73 13.62 15.23
CA ARG F 38 -0.68 13.31 15.11
C ARG F 38 -1.15 13.54 13.68
N GLN F 39 -2.26 12.88 13.34
CA GLN F 39 -2.86 12.97 12.00
C GLN F 39 -4.38 12.88 12.17
N ALA F 40 -5.06 13.97 11.84
CA ALA F 40 -6.51 13.97 11.89
C ALA F 40 -7.08 13.21 10.69
N PRO F 41 -8.29 12.67 10.82
CA PRO F 41 -8.86 11.85 9.73
C PRO F 41 -8.75 12.51 8.37
N GLY F 42 -8.03 11.87 7.46
CA GLY F 42 -7.89 12.40 6.11
C GLY F 42 -7.06 13.65 5.99
N LYS F 43 -6.13 13.86 6.92
CA LYS F 43 -5.33 15.08 6.93
C LYS F 43 -3.85 14.72 7.00
N GLY F 44 -3.01 15.74 6.99
CA GLY F 44 -1.58 15.54 6.98
C GLY F 44 -1.00 15.30 8.36
N LEU F 45 0.30 15.01 8.37
CA LEU F 45 1.02 14.81 9.60
C LEU F 45 1.30 16.14 10.27
N GLU F 46 1.13 16.17 11.59
CA GLU F 46 1.44 17.35 12.40
C GLU F 46 2.29 16.91 13.57
N TRP F 47 3.56 17.29 13.58
CA TRP F 47 4.39 17.13 14.75
C TRP F 47 3.77 17.87 15.92
N VAL F 48 3.55 17.17 17.02
CA VAL F 48 2.94 17.77 18.20
C VAL F 48 4.00 18.29 19.17
N SER F 49 4.95 17.43 19.53
CA SER F 49 6.00 17.78 20.48
C SER F 49 7.06 16.70 20.39
N GLY F 50 8.20 16.97 21.03
CA GLY F 50 9.31 16.05 21.03
C GLY F 50 10.23 16.37 22.18
N ILE F 51 11.00 15.37 22.59
CA ILE F 51 11.85 15.48 23.77
C ILE F 51 13.14 14.74 23.48
N THR F 52 14.26 15.37 23.85
CA THR F 52 15.58 14.85 23.53
C THR F 52 15.95 13.68 24.45
N TRP F 53 17.13 13.13 24.23
CA TRP F 53 17.59 11.99 25.03
C TRP F 53 17.80 12.37 26.49
N ASN F 54 18.25 13.60 26.75
CA ASN F 54 18.44 14.07 28.11
C ASN F 54 17.21 14.78 28.65
N SER F 55 16.02 14.40 28.16
CA SER F 55 14.75 14.83 28.71
C SER F 55 14.50 16.33 28.49
N GLY F 56 15.12 16.89 27.46
CA GLY F 56 14.93 18.29 27.13
C GLY F 56 13.84 18.50 26.10
N THR F 57 12.79 19.23 26.47
CA THR F 57 11.70 19.48 25.53
C THR F 57 12.22 20.26 24.32
N ILE F 58 11.90 19.75 23.13
CA ILE F 58 12.27 20.46 21.90
C ILE F 58 11.35 21.64 21.70
N GLY F 59 10.04 21.39 21.73
CA GLY F 59 9.07 22.44 21.52
C GLY F 59 7.68 21.87 21.36
N TYR F 60 6.78 22.74 20.87
CA TYR F 60 5.38 22.38 20.71
C TYR F 60 4.85 22.98 19.41
N ALA F 61 3.96 22.25 18.75
CA ALA F 61 3.12 22.82 17.72
C ALA F 61 2.34 23.99 18.31
N ASP F 62 2.38 25.14 17.64
CA ASP F 62 1.72 26.32 18.21
C ASP F 62 0.24 26.08 18.44
N SER F 63 -0.35 25.13 17.72
CA SER F 63 -1.75 24.78 17.95
C SER F 63 -1.97 24.33 19.39
N VAL F 64 -1.04 23.57 19.95
CA VAL F 64 -1.21 23.00 21.28
C VAL F 64 -0.35 23.68 22.34
N LYS F 65 0.57 24.56 21.95
CA LYS F 65 1.49 25.15 22.90
C LYS F 65 0.74 25.78 24.06
N GLY F 66 1.06 25.34 25.28
CA GLY F 66 0.41 25.80 26.48
C GLY F 66 -0.65 24.88 27.02
N ARG F 67 -1.20 24.00 26.19
CA ARG F 67 -2.18 23.03 26.62
C ARG F 67 -1.61 21.64 26.81
N PHE F 68 -0.52 21.31 26.11
CA PHE F 68 0.07 19.98 26.14
C PHE F 68 1.41 20.01 26.86
N ILE F 69 1.77 18.88 27.47
CA ILE F 69 3.03 18.77 28.20
C ILE F 69 3.64 17.42 27.88
N ILE F 70 4.86 17.42 27.35
CA ILE F 70 5.58 16.20 27.01
C ILE F 70 6.54 15.87 28.14
N SER F 71 6.84 14.58 28.28
CA SER F 71 7.79 14.13 29.28
C SER F 71 8.17 12.69 28.96
N ARG F 72 9.27 12.24 29.56
CA ARG F 72 9.75 10.88 29.36
C ARG F 72 10.31 10.35 30.67
N ASP F 73 10.30 9.03 30.80
CA ASP F 73 10.84 8.33 31.97
C ASP F 73 11.83 7.29 31.44
N ASN F 74 13.12 7.61 31.52
CA ASN F 74 14.14 6.76 30.90
C ASN F 74 14.33 5.44 31.63
N ALA F 75 13.83 5.31 32.86
CA ALA F 75 13.95 4.05 33.58
C ALA F 75 12.84 3.08 33.19
N LYS F 76 11.62 3.58 33.00
CA LYS F 76 10.50 2.77 32.53
C LYS F 76 10.36 2.76 31.02
N ASN F 77 11.21 3.49 30.30
CA ASN F 77 11.24 3.49 28.83
C ASN F 77 9.89 3.90 28.25
N SER F 78 9.36 5.02 28.73
CA SER F 78 8.05 5.49 28.34
C SER F 78 8.07 6.97 27.99
N LEU F 79 7.29 7.33 26.98
CA LEU F 79 7.03 8.70 26.59
C LEU F 79 5.61 9.07 27.00
N HIS F 80 5.41 10.33 27.35
CA HIS F 80 4.13 10.77 27.88
C HIS F 80 3.71 12.08 27.23
N LEU F 81 2.40 12.30 27.21
CA LEU F 81 1.82 13.52 26.65
C LEU F 81 0.56 13.84 27.43
N GLN F 82 0.64 14.85 28.30
CA GLN F 82 -0.53 15.35 29.01
C GLN F 82 -1.22 16.38 28.13
N MET F 83 -2.49 16.15 27.82
CA MET F 83 -3.27 17.03 26.97
C MET F 83 -4.36 17.68 27.82
N ASN F 84 -4.28 19.00 28.00
CA ASN F 84 -5.26 19.76 28.76
C ASN F 84 -6.15 20.57 27.83
N SER F 85 -7.34 20.88 28.34
CA SER F 85 -8.32 21.71 27.63
C SER F 85 -8.47 21.28 26.17
N LEU F 86 -8.82 20.01 25.99
CA LEU F 86 -8.84 19.44 24.66
C LEU F 86 -9.89 20.13 23.80
N ARG F 87 -9.49 20.49 22.58
CA ARG F 87 -10.39 21.16 21.64
C ARG F 87 -10.88 20.18 20.58
N VAL F 88 -12.03 20.51 19.99
CA VAL F 88 -12.59 19.65 18.95
C VAL F 88 -11.56 19.38 17.86
N GLU F 89 -10.79 20.40 17.49
CA GLU F 89 -9.78 20.24 16.44
C GLU F 89 -8.53 19.49 16.91
N ASP F 90 -8.53 18.94 18.12
CA ASP F 90 -7.45 18.07 18.54
C ASP F 90 -7.74 16.60 18.21
N THR F 91 -8.97 16.27 17.86
CA THR F 91 -9.31 14.92 17.45
C THR F 91 -8.33 14.42 16.41
N ALA F 92 -7.70 13.27 16.67
CA ALA F 92 -6.76 12.72 15.71
C ALA F 92 -6.19 11.40 16.22
N LEU F 93 -5.45 10.73 15.33
CA LEU F 93 -4.61 9.61 15.69
C LEU F 93 -3.24 10.15 16.08
N TYR F 94 -2.72 9.70 17.23
CA TYR F 94 -1.46 10.20 17.76
C TYR F 94 -0.42 9.09 17.70
N TYR F 95 0.59 9.27 16.84
CA TYR F 95 1.67 8.32 16.70
C TYR F 95 2.78 8.65 17.68
N CYS F 96 3.23 7.65 18.42
CA CYS F 96 4.52 7.74 19.11
C CYS F 96 5.63 7.37 18.12
N ALA F 97 6.72 8.12 18.14
CA ALA F 97 7.75 7.92 17.12
C ALA F 97 9.15 8.10 17.67
N LYS F 98 10.04 7.20 17.24
CA LYS F 98 11.44 7.23 17.63
C LYS F 98 12.25 8.00 16.60
N ASP F 99 13.24 8.73 17.09
CA ASP F 99 14.14 9.48 16.21
C ASP F 99 15.17 8.55 15.59
N ASN F 100 15.51 8.83 14.33
CA ASN F 100 16.39 7.96 13.57
C ASN F 100 17.83 8.00 14.08
N SER F 101 18.27 9.14 14.60
CA SER F 101 19.66 9.35 14.95
C SER F 101 19.89 9.08 16.44
N ASP F 102 21.01 8.40 16.73
CA ASP F 102 21.49 8.22 18.08
C ASP F 102 22.58 9.24 18.43
N TYR F 103 22.65 10.34 17.70
CA TYR F 103 23.71 11.32 17.90
C TYR F 103 23.33 12.28 19.02
N SER F 104 24.27 12.49 19.95
CA SER F 104 24.00 13.32 21.12
C SER F 104 23.44 14.68 20.73
N GLY F 105 24.09 15.34 19.78
CA GLY F 105 23.76 16.72 19.46
C GLY F 105 24.35 17.65 20.49
N TYR F 106 24.90 18.78 20.04
CA TYR F 106 25.42 19.81 20.94
C TYR F 106 24.85 21.16 20.54
N TYR F 107 24.88 22.09 21.49
CA TYR F 107 24.15 23.35 21.35
C TYR F 107 24.73 24.27 20.29
N TRP F 108 25.97 24.05 19.85
CA TRP F 108 26.51 24.79 18.72
C TRP F 108 26.16 24.15 17.38
N GLU F 109 25.46 23.02 17.40
CA GLU F 109 25.08 22.30 16.19
C GLU F 109 23.61 22.48 15.89
N LEU F 110 23.28 22.52 14.61
CA LEU F 110 21.87 22.51 14.21
C LEU F 110 21.26 21.16 14.57
N GLU F 111 20.07 21.21 15.16
CA GLU F 111 19.36 19.98 15.51
C GLU F 111 18.92 19.26 14.25
N ASN F 112 18.81 17.94 14.37
CA ASN F 112 18.36 17.09 13.26
C ASN F 112 17.45 16.01 13.84
N TYR F 113 16.16 16.19 13.67
CA TYR F 113 15.16 15.21 14.12
C TYR F 113 14.49 14.58 12.91
N GLY F 114 14.28 13.28 12.99
CA GLY F 114 13.64 12.52 11.95
C GLY F 114 13.27 11.16 12.50
N MET F 115 12.12 10.63 12.11
CA MET F 115 11.55 9.45 12.77
C MET F 115 11.70 8.24 11.85
N ASP F 116 12.44 7.23 12.33
CA ASP F 116 12.60 5.99 11.58
C ASP F 116 11.66 4.89 12.03
N VAL F 117 10.97 5.04 13.16
CA VAL F 117 10.05 4.01 13.64
C VAL F 117 8.82 4.68 14.25
N TRP F 118 7.63 4.27 13.77
CA TRP F 118 6.37 4.84 14.18
C TRP F 118 5.52 3.76 14.82
N GLY F 119 4.92 4.08 15.95
CA GLY F 119 3.87 3.22 16.50
C GLY F 119 2.68 3.22 15.58
N GLN F 120 1.65 2.44 15.90
CA GLN F 120 0.47 2.37 15.05
C GLN F 120 -0.63 3.34 15.48
N GLY F 121 -0.45 4.03 16.59
CA GLY F 121 -1.32 5.14 16.93
C GLY F 121 -2.32 4.82 18.02
N THR F 122 -2.67 5.84 18.79
CA THR F 122 -3.79 5.82 19.72
C THR F 122 -4.74 6.94 19.31
N THR F 123 -6.04 6.64 19.32
CA THR F 123 -7.05 7.53 18.75
C THR F 123 -7.69 8.40 19.82
N VAL F 124 -7.75 9.71 19.56
CA VAL F 124 -8.31 10.67 20.50
C VAL F 124 -9.47 11.39 19.81
N THR F 125 -10.68 11.21 20.34
CA THR F 125 -11.88 11.80 19.80
C THR F 125 -12.40 12.84 20.79
N VAL F 126 -12.37 14.11 20.40
CA VAL F 126 -12.81 15.21 21.25
C VAL F 126 -14.18 15.63 20.73
N SER F 127 -15.24 15.08 21.34
CA SER F 127 -16.59 15.33 20.82
C SER F 127 -17.63 15.17 21.92
N SER F 128 -18.60 16.08 21.91
CA SER F 128 -19.79 16.01 22.74
C SER F 128 -20.96 15.36 22.00
N ALA F 129 -20.68 14.59 20.95
CA ALA F 129 -21.72 14.14 20.04
C ALA F 129 -22.50 12.98 20.65
N SER F 130 -23.80 13.15 20.74
CA SER F 130 -24.72 12.12 21.20
C SER F 130 -25.61 11.68 20.03
N THR F 131 -26.20 10.49 20.16
CA THR F 131 -27.06 9.99 19.11
C THR F 131 -28.13 11.03 18.78
N LYS F 132 -28.35 11.24 17.49
CA LYS F 132 -29.18 12.32 17.01
C LYS F 132 -29.76 11.95 15.65
N GLY F 133 -31.04 12.25 15.45
CA GLY F 133 -31.67 12.03 14.17
C GLY F 133 -31.31 13.11 13.18
N PRO F 134 -31.18 12.74 11.91
CA PRO F 134 -30.87 13.75 10.89
C PRO F 134 -32.08 14.62 10.56
N SER F 135 -31.77 15.84 10.14
CA SER F 135 -32.74 16.72 9.50
C SER F 135 -32.50 16.67 8.00
N VAL F 136 -33.56 16.41 7.23
CA VAL F 136 -33.45 16.26 5.80
C VAL F 136 -33.94 17.53 5.13
N PHE F 137 -33.12 18.07 4.23
CA PHE F 137 -33.44 19.32 3.54
C PHE F 137 -33.37 19.09 2.03
N PRO F 138 -34.45 19.31 1.28
CA PRO F 138 -34.41 19.06 -0.16
C PRO F 138 -33.40 19.97 -0.88
N LEU F 139 -32.87 19.45 -2.00
CA LEU F 139 -31.98 20.18 -2.90
C LEU F 139 -32.73 20.28 -4.23
N ALA F 140 -33.49 21.35 -4.40
CA ALA F 140 -34.31 21.51 -5.58
C ALA F 140 -33.45 21.67 -6.82
N PRO F 141 -34.04 21.48 -8.02
CA PRO F 141 -33.31 21.66 -9.28
C PRO F 141 -33.19 23.12 -9.73
N THR F 150 -30.33 17.08 -18.18
CA THR F 150 -29.91 16.45 -16.93
C THR F 150 -30.56 17.14 -15.72
N ALA F 151 -30.65 16.40 -14.62
CA ALA F 151 -31.61 16.76 -13.59
C ALA F 151 -31.05 17.55 -12.43
N ALA F 152 -30.14 16.94 -11.66
CA ALA F 152 -29.52 17.58 -10.49
C ALA F 152 -30.55 17.97 -9.44
N LEU F 153 -31.12 16.95 -8.80
CA LEU F 153 -31.92 17.14 -7.59
C LEU F 153 -31.53 16.10 -6.55
N GLY F 154 -31.64 16.46 -5.27
CA GLY F 154 -31.24 15.53 -4.22
C GLY F 154 -31.85 15.88 -2.87
N CYS F 155 -31.36 15.20 -1.82
CA CYS F 155 -31.65 15.66 -0.46
C CYS F 155 -30.38 15.85 0.37
N LEU F 156 -30.49 16.72 1.37
CA LEU F 156 -29.43 16.96 2.35
C LEU F 156 -29.80 16.29 3.68
N VAL F 157 -29.05 15.25 4.04
CA VAL F 157 -29.20 14.56 5.32
C VAL F 157 -28.23 15.20 6.30
N LYS F 158 -28.74 15.98 7.24
CA LYS F 158 -27.91 16.87 8.05
C LYS F 158 -27.93 16.51 9.52
N ASP F 159 -26.75 16.60 10.14
CA ASP F 159 -26.57 16.63 11.59
C ASP F 159 -27.11 15.36 12.26
N TYR F 160 -26.46 14.24 11.95
CA TYR F 160 -26.80 12.97 12.55
C TYR F 160 -25.54 12.29 13.09
N PHE F 161 -25.76 11.41 14.08
CA PHE F 161 -24.72 10.60 14.71
C PHE F 161 -25.42 9.43 15.37
N PRO F 162 -24.90 8.20 15.26
CA PRO F 162 -23.71 7.77 14.52
C PRO F 162 -24.01 7.36 13.08
N GLU F 163 -23.02 6.90 12.32
CA GLU F 163 -23.22 6.31 10.99
C GLU F 163 -23.95 4.95 11.12
N PRO F 164 -24.62 4.38 10.10
CA PRO F 164 -24.74 4.83 8.71
C PRO F 164 -26.09 5.50 8.52
N VAL F 165 -26.39 5.91 7.29
CA VAL F 165 -27.70 6.45 6.88
C VAL F 165 -27.95 5.88 5.49
N THR F 166 -29.17 5.44 5.18
CA THR F 166 -29.51 4.89 3.86
C THR F 166 -30.53 5.78 3.20
N VAL F 167 -30.28 6.15 1.97
CA VAL F 167 -31.19 7.05 1.21
C VAL F 167 -31.73 6.24 0.04
N SER F 168 -33.03 6.37 -0.20
CA SER F 168 -33.64 5.67 -1.35
C SER F 168 -34.73 6.57 -1.93
N THR F 175 -35.36 2.33 -10.24
CA THR F 175 -35.11 3.75 -9.85
C THR F 175 -33.73 3.88 -9.21
N SER F 176 -32.69 3.62 -10.00
CA SER F 176 -31.31 3.60 -9.44
C SER F 176 -30.29 4.41 -10.26
N GLY F 177 -30.63 5.58 -10.85
CA GLY F 177 -29.67 6.47 -11.57
C GLY F 177 -29.20 7.57 -10.63
N VAL F 178 -28.84 7.20 -9.41
CA VAL F 178 -28.63 8.05 -8.22
C VAL F 178 -27.17 7.97 -7.79
N HIS F 179 -26.74 8.95 -7.02
CA HIS F 179 -25.41 9.05 -6.40
C HIS F 179 -25.56 9.61 -4.97
N THR F 180 -25.37 8.81 -3.94
CA THR F 180 -25.36 9.28 -2.56
C THR F 180 -23.91 9.41 -2.11
N PHE F 181 -23.54 10.58 -1.66
CA PHE F 181 -22.13 10.80 -1.36
C PHE F 181 -21.81 10.40 0.08
N PRO F 182 -20.58 9.92 0.32
CA PRO F 182 -20.14 9.68 1.70
C PRO F 182 -20.33 10.92 2.56
N ALA F 183 -20.50 10.74 3.86
CA ALA F 183 -20.81 11.85 4.73
C ALA F 183 -19.56 12.61 5.15
N VAL F 184 -19.74 13.88 5.46
CA VAL F 184 -18.73 14.69 6.14
C VAL F 184 -18.93 14.49 7.64
N LEU F 185 -17.83 14.47 8.38
CA LEU F 185 -17.88 14.56 9.83
C LEU F 185 -17.56 16.01 10.20
N GLN F 186 -18.59 16.81 10.45
CA GLN F 186 -18.36 18.19 10.83
C GLN F 186 -17.49 18.26 12.07
N SER F 187 -17.02 19.47 12.38
CA SER F 187 -16.27 19.65 13.62
C SER F 187 -17.11 19.26 14.83
N SER F 188 -18.42 19.48 14.77
CA SER F 188 -19.31 19.23 15.89
C SER F 188 -19.57 17.75 16.12
N GLY F 189 -18.81 16.87 15.48
CA GLY F 189 -18.98 15.44 15.66
C GLY F 189 -20.19 14.84 14.98
N LEU F 190 -21.06 15.65 14.39
CA LEU F 190 -22.23 15.15 13.69
C LEU F 190 -21.90 14.95 12.22
N TYR F 191 -22.51 13.92 11.63
CA TYR F 191 -22.31 13.59 10.24
C TYR F 191 -23.30 14.35 9.36
N SER F 192 -22.98 14.41 8.08
CA SER F 192 -23.87 15.02 7.09
C SER F 192 -23.53 14.41 5.73
N LEU F 193 -24.56 14.11 4.95
CA LEU F 193 -24.36 13.63 3.60
C LEU F 193 -25.44 14.19 2.70
N SER F 194 -25.22 14.08 1.39
CA SER F 194 -26.16 14.50 0.37
C SER F 194 -26.33 13.36 -0.63
N SER F 195 -27.48 13.32 -1.29
CA SER F 195 -27.79 12.30 -2.28
C SER F 195 -28.48 12.96 -3.46
N VAL F 196 -28.03 12.69 -4.68
CA VAL F 196 -28.57 13.34 -5.90
C VAL F 196 -29.04 12.32 -6.94
N VAL F 197 -29.96 12.74 -7.78
CA VAL F 197 -30.50 11.93 -8.88
C VAL F 197 -30.35 12.77 -10.15
N THR F 198 -29.74 12.18 -11.21
CA THR F 198 -29.69 12.64 -12.63
C THR F 198 -30.79 11.79 -13.31
N VAL F 199 -31.50 12.41 -14.25
CA VAL F 199 -32.91 12.24 -14.77
C VAL F 199 -33.15 13.32 -15.86
N PRO F 200 -34.13 13.38 -16.78
CA PRO F 200 -34.30 14.60 -17.61
C PRO F 200 -35.08 15.77 -17.00
N SER F 201 -35.05 16.96 -17.61
CA SER F 201 -35.86 18.09 -17.08
C SER F 201 -37.34 17.72 -17.23
N SER F 202 -37.90 17.06 -16.21
CA SER F 202 -39.28 16.52 -16.20
C SER F 202 -39.85 16.59 -14.79
N SER F 203 -40.05 17.80 -14.32
CA SER F 203 -40.63 18.12 -13.00
C SER F 203 -42.13 18.44 -13.16
N LEU F 204 -42.73 18.17 -14.33
CA LEU F 204 -44.18 18.26 -14.59
C LEU F 204 -44.71 16.83 -14.51
N GLY F 205 -44.12 15.92 -15.27
CA GLY F 205 -44.49 14.50 -15.33
C GLY F 205 -44.10 13.75 -14.06
N THR F 206 -42.82 13.73 -13.72
CA THR F 206 -42.36 12.94 -12.54
C THR F 206 -42.30 13.83 -11.29
N GLN F 207 -43.25 13.68 -10.37
CA GLN F 207 -43.27 14.29 -9.01
C GLN F 207 -43.31 13.06 -8.12
N THR F 208 -42.44 12.12 -8.42
CA THR F 208 -42.28 10.85 -7.69
C THR F 208 -40.81 10.80 -7.27
N TYR F 209 -40.25 12.00 -6.97
CA TYR F 209 -38.88 12.21 -6.47
C TYR F 209 -38.99 12.48 -4.97
N ILE F 210 -39.12 11.40 -4.22
CA ILE F 210 -39.09 11.35 -2.74
C ILE F 210 -37.83 10.54 -2.45
N CYS F 211 -36.98 10.98 -1.53
CA CYS F 211 -35.65 10.38 -1.30
C CYS F 211 -35.51 9.84 0.11
N ASN F 212 -36.48 9.07 0.56
CA ASN F 212 -36.64 8.49 1.93
C ASN F 212 -35.30 8.21 2.63
N VAL F 213 -35.04 8.83 3.80
CA VAL F 213 -33.77 8.69 4.54
C VAL F 213 -34.02 7.79 5.76
N ASN F 214 -33.08 6.94 6.12
CA ASN F 214 -33.21 6.04 7.25
C ASN F 214 -31.97 6.11 8.14
N HIS F 215 -32.18 6.45 9.41
CA HIS F 215 -31.12 6.44 10.43
C HIS F 215 -31.57 5.54 11.58
N LYS F 216 -30.92 4.37 11.71
CA LYS F 216 -31.46 3.33 12.59
C LYS F 216 -31.16 3.60 14.06
N PRO F 217 -29.93 3.94 14.46
CA PRO F 217 -29.69 4.27 15.87
C PRO F 217 -30.70 5.27 16.40
N SER F 218 -31.12 6.18 15.56
CA SER F 218 -32.14 7.13 15.94
C SER F 218 -33.54 6.58 15.70
N ASN F 219 -33.64 5.45 14.99
CA ASN F 219 -34.89 4.95 14.44
C ASN F 219 -35.77 6.11 13.99
N THR F 220 -35.16 6.95 13.17
CA THR F 220 -35.83 8.02 12.46
C THR F 220 -35.92 7.62 10.99
N LYS F 221 -37.13 7.74 10.44
CA LYS F 221 -37.36 7.49 9.02
C LYS F 221 -38.20 8.63 8.50
N VAL F 222 -37.64 9.46 7.60
CA VAL F 222 -38.40 10.55 6.94
C VAL F 222 -38.39 10.29 5.43
N ASP F 223 -39.33 10.88 4.74
CA ASP F 223 -39.47 10.82 3.28
C ASP F 223 -39.58 12.27 2.84
N LYS F 224 -38.71 12.77 1.96
CA LYS F 224 -38.80 14.17 1.51
C LYS F 224 -39.18 14.24 0.03
N LYS F 225 -40.25 14.95 -0.27
CA LYS F 225 -40.63 15.18 -1.67
C LYS F 225 -39.75 16.33 -2.14
N VAL F 226 -38.91 16.07 -3.13
CA VAL F 226 -38.03 17.14 -3.67
C VAL F 226 -38.80 17.87 -4.76
N GLU F 227 -39.34 19.04 -4.41
CA GLU F 227 -40.19 19.85 -5.30
C GLU F 227 -39.35 20.86 -6.07
N PRO F 228 -39.66 21.15 -7.34
CA PRO F 228 -39.02 22.22 -8.04
C PRO F 228 -39.64 23.49 -7.48
N LYS F 229 -38.84 24.53 -7.26
CA LYS F 229 -39.25 25.83 -6.69
C LYS F 229 -40.58 26.32 -7.27
C1 NAG G . 28.31 -23.70 -17.32
C2 NAG G . 29.19 -24.90 -16.95
C3 NAG G . 30.64 -24.40 -17.09
C4 NAG G . 31.01 -24.16 -18.54
C5 NAG G . 29.95 -23.19 -19.02
C6 NAG G . 30.03 -23.19 -20.52
C7 NAG G . 29.09 -26.63 -15.22
C8 NAG G . 29.00 -26.75 -13.75
N2 NAG G . 29.04 -25.37 -15.62
O3 NAG G . 31.65 -25.25 -16.60
O4 NAG G . 32.38 -23.75 -18.74
O5 NAG G . 28.65 -23.63 -18.66
O6 NAG G . 30.37 -21.91 -20.97
O7 NAG G . 29.21 -27.61 -15.91
C1 NAG H . 31.86 22.11 26.14
C2 NAG H . 32.98 21.29 26.74
C3 NAG H . 34.24 22.11 26.87
C4 NAG H . 34.65 22.83 25.61
C5 NAG H . 33.47 23.69 25.16
C6 NAG H . 33.65 24.52 23.88
C7 NAG H . 32.55 19.52 28.35
C8 NAG H . 31.96 19.19 29.64
N2 NAG H . 32.56 20.79 28.03
O3 NAG H . 35.22 21.14 27.04
O4 NAG H . 35.92 23.51 25.80
O5 NAG H . 32.31 22.88 25.06
O6 NAG H . 33.71 23.88 22.60
O7 NAG H . 33.06 18.65 27.69
#